data_2J40
#
_entry.id   2J40
#
_cell.length_a   102.043
_cell.length_b   102.043
_cell.length_c   278.600
_cell.angle_alpha   90.00
_cell.angle_beta   90.00
_cell.angle_gamma   120.00
#
_symmetry.space_group_name_H-M   'H 3'
#
loop_
_entity.id
_entity.type
_entity.pdbx_description
1 polymer '1-PYRROLINE-5-CARBOXYLATE DEHYDROGENASE'
2 non-polymer PROLINE
3 non-polymer NICOTINAMIDE-ADENINE-DINUCLEOTIDE
4 non-polymer 'ACETATE ION'
5 non-polymer (4R)-2-METHYLPENTANE-2,4-DIOL
6 non-polymer 'SODIUM ION'
7 non-polymer (4S)-2-METHYL-2,4-PENTANEDIOL
8 water water
#
_entity_poly.entity_id   1
_entity_poly.type   'polypeptide(L)'
_entity_poly.pdbx_seq_one_letter_code
;MTVEPFRNEPIETFQTEEARRAMREALRRVREEFGRHYPLYIGGEWVDTKERMVSLNPSAPSEVVGTTAKAGKAEAEAAL
EAAWKAFKTWKDWPQEDRSRLLLKAAALMRRRKRELEATLVYEVGKNWVEASADVAEAIDFIEYYARAALRYRYPAVEVV
PYPGEDNESFYVPLGAGVVIAPWNFPVAIFTGMIVGPVAVGNTVIAKPAEDAVVVGAKVFEIFHEAGFPPGVVNFLPGVG
EEVGAYLVEHPRIRFINFTGSLEVGLKIYEAAGRLAPGQTWFKRAYVETGGKDAIIVDETADFDLAAEGVVVSAYGFQGQ
K(CSO)SAASRLILTQGAYEPVLERVLKRAERLSVGPAEENPDLGPVVSAEQERKVLSYIEIGKNEGQLVLGGKRLEGEG
YFIAPTVFTEVPPKARIAQEEIFGPVLSVIRVKDFAEALEVANDTPYGLTGGVYSRKREHLEWARREFHVGNLYFNRKIT
GALVGVQPFGGFKLSGTNAKTGALDYLRLFLEMKAVAERF
;
_entity_poly.pdbx_strand_id   A,B
#
loop_
_chem_comp.id
_chem_comp.type
_chem_comp.name
_chem_comp.formula
ACT non-polymer 'ACETATE ION' 'C2 H3 O2 -1'
MPD non-polymer (4S)-2-METHYL-2,4-PENTANEDIOL 'C6 H14 O2'
MRD non-polymer (4R)-2-METHYLPENTANE-2,4-DIOL 'C6 H14 O2'
NA non-polymer 'SODIUM ION' 'Na 1'
NAD non-polymer NICOTINAMIDE-ADENINE-DINUCLEOTIDE 'C21 H27 N7 O14 P2'
#
# COMPACT_ATOMS: atom_id res chain seq x y z
N MET A 1 5.55 -24.50 14.25
CA MET A 1 6.95 -24.74 13.82
C MET A 1 7.99 -24.00 14.72
N THR A 2 8.96 -24.71 15.33
CA THR A 2 9.94 -24.04 16.21
C THR A 2 11.38 -24.21 15.73
N VAL A 3 11.99 -23.08 15.33
CA VAL A 3 13.36 -23.02 14.85
C VAL A 3 14.16 -22.12 15.77
N GLU A 4 15.48 -22.11 15.62
CA GLU A 4 16.30 -21.17 16.38
C GLU A 4 15.89 -19.73 16.04
N PRO A 5 16.00 -18.79 17.02
CA PRO A 5 15.81 -17.36 16.71
C PRO A 5 16.68 -16.96 15.53
N PHE A 6 16.16 -16.07 14.71
CA PHE A 6 16.91 -15.56 13.57
C PHE A 6 18.26 -14.97 13.95
N ARG A 7 19.28 -15.33 13.18
CA ARG A 7 20.60 -14.69 13.23
C ARG A 7 21.01 -14.49 11.77
N ASN A 8 21.64 -13.34 11.47
CA ASN A 8 22.17 -13.09 10.11
C ASN A 8 23.29 -14.04 9.70
N GLU A 9 23.25 -14.51 8.44
CA GLU A 9 24.31 -15.35 7.90
C GLU A 9 25.65 -14.58 7.94
N PRO A 10 26.69 -15.16 8.60
CA PRO A 10 28.00 -14.46 8.62
C PRO A 10 28.56 -14.22 7.19
N ILE A 11 29.11 -13.03 6.98
CA ILE A 11 29.66 -12.61 5.67
C ILE A 11 31.14 -13.01 5.62
N GLU A 12 31.49 -13.91 4.71
CA GLU A 12 32.87 -14.40 4.63
C GLU A 12 33.84 -13.26 4.25
N THR A 13 34.97 -13.21 4.95
CA THR A 13 36.01 -12.25 4.60
C THR A 13 37.24 -12.88 3.96
N PHE A 14 37.28 -14.20 3.88
CA PHE A 14 38.39 -14.92 3.26
C PHE A 14 39.74 -14.62 3.89
N GLN A 15 39.73 -14.49 5.22
CA GLN A 15 40.96 -14.33 5.98
C GLN A 15 41.64 -15.67 6.32
N THR A 16 40.84 -16.72 6.50
CA THR A 16 41.39 -18.03 6.81
C THR A 16 41.80 -18.75 5.53
N GLU A 17 42.81 -19.60 5.66
CA GLU A 17 43.34 -20.32 4.52
C GLU A 17 42.27 -21.30 4.05
N GLU A 18 41.51 -21.82 4.99
CA GLU A 18 40.36 -22.68 4.67
C GLU A 18 39.33 -22.01 3.74
N ALA A 19 39.03 -20.74 4.01
CA ALA A 19 38.06 -19.96 3.22
C ALA A 19 38.60 -19.65 1.83
N ARG A 20 39.87 -19.25 1.77
CA ARG A 20 40.55 -19.04 0.50
C ARG A 20 40.53 -20.29 -0.36
N ARG A 21 40.82 -21.45 0.24
CA ARG A 21 40.83 -22.74 -0.49
C ARG A 21 39.47 -23.09 -1.07
N ALA A 22 38.44 -22.98 -0.23
CA ALA A 22 37.05 -23.16 -0.65
C ALA A 22 36.65 -22.20 -1.78
N MET A 23 37.00 -20.92 -1.64
CA MET A 23 36.65 -19.96 -2.68
C MET A 23 37.41 -20.20 -4.04
N ARG A 24 38.73 -20.45 -3.97
CA ARG A 24 39.50 -20.83 -5.18
C ARG A 24 38.87 -22.02 -5.89
N GLU A 25 38.55 -23.08 -5.15
CA GLU A 25 37.89 -24.24 -5.78
C GLU A 25 36.55 -23.88 -6.44
N ALA A 26 35.77 -23.01 -5.79
CA ALA A 26 34.44 -22.66 -6.29
C ALA A 26 34.54 -21.83 -7.57
N LEU A 27 35.45 -20.85 -7.58
CA LEU A 27 35.75 -20.04 -8.77
C LEU A 27 36.25 -20.88 -9.94
N ARG A 28 37.23 -21.75 -9.66
CA ARG A 28 37.70 -22.71 -10.67
C ARG A 28 36.57 -23.50 -11.32
N ARG A 29 35.67 -24.07 -10.51
CA ARG A 29 34.54 -24.84 -11.04
C ARG A 29 33.51 -24.05 -11.82
N VAL A 30 33.23 -22.81 -11.39
CA VAL A 30 32.33 -21.94 -12.14
C VAL A 30 32.95 -21.56 -13.48
N ARG A 31 34.23 -21.17 -13.45
CA ARG A 31 34.99 -20.84 -14.66
C ARG A 31 35.01 -22.02 -15.65
N GLU A 32 35.16 -23.22 -15.13
CA GLU A 32 35.19 -24.45 -15.95
C GLU A 32 33.84 -24.73 -16.58
N GLU A 33 32.81 -24.06 -16.08
CA GLU A 33 31.43 -24.31 -16.50
C GLU A 33 30.92 -23.18 -17.40
N PHE A 34 31.78 -22.20 -17.70
CA PHE A 34 31.37 -21.13 -18.63
C PHE A 34 30.74 -21.71 -19.89
N GLY A 35 29.75 -21.00 -20.44
CA GLY A 35 29.12 -21.40 -21.70
C GLY A 35 27.93 -22.32 -21.51
N ARG A 36 27.72 -22.76 -20.27
CA ARG A 36 26.52 -23.55 -19.96
C ARG A 36 25.22 -22.81 -20.29
N HIS A 37 24.21 -23.57 -20.71
CA HIS A 37 22.89 -23.05 -21.08
C HIS A 37 21.83 -23.42 -20.05
N TYR A 38 21.06 -22.42 -19.62
CA TYR A 38 20.01 -22.56 -18.62
C TYR A 38 18.63 -22.25 -19.28
N PRO A 39 17.68 -23.20 -19.27
CA PRO A 39 16.35 -22.86 -19.81
C PRO A 39 15.46 -21.98 -18.87
N LEU A 40 14.25 -21.64 -19.33
CA LEU A 40 13.21 -21.10 -18.47
C LEU A 40 12.75 -22.17 -17.46
N TYR A 41 12.02 -21.76 -16.42
CA TYR A 41 11.43 -22.70 -15.47
C TYR A 41 10.01 -22.24 -15.27
N ILE A 42 9.09 -23.15 -15.66
CA ILE A 42 7.66 -22.84 -15.77
C ILE A 42 6.86 -24.09 -15.41
N GLY A 43 5.87 -23.93 -14.53
CA GLY A 43 5.08 -25.06 -14.05
C GLY A 43 5.93 -26.23 -13.65
N GLY A 44 7.04 -25.97 -12.95
CA GLY A 44 7.89 -26.99 -12.33
C GLY A 44 8.82 -27.72 -13.29
N GLU A 45 8.94 -27.25 -14.53
CA GLU A 45 9.87 -27.89 -15.43
C GLU A 45 10.70 -26.88 -16.23
N TRP A 46 11.90 -27.32 -16.63
CA TRP A 46 12.85 -26.47 -17.35
C TRP A 46 12.38 -26.48 -18.79
N VAL A 47 12.13 -25.32 -19.38
CA VAL A 47 11.54 -25.23 -20.71
C VAL A 47 12.42 -24.37 -21.57
N ASP A 48 12.97 -24.92 -22.65
CA ASP A 48 13.87 -24.16 -23.51
C ASP A 48 13.15 -23.39 -24.61
N THR A 49 13.84 -22.43 -25.22
CA THR A 49 13.31 -21.64 -26.33
C THR A 49 14.32 -21.65 -27.49
N LYS A 50 13.93 -21.11 -28.62
CA LYS A 50 14.81 -20.93 -29.78
C LYS A 50 15.77 -19.74 -29.60
N GLU A 51 15.27 -18.63 -29.10
CA GLU A 51 16.11 -17.46 -28.82
C GLU A 51 16.82 -17.58 -27.47
N ARG A 52 17.84 -16.76 -27.26
CA ARG A 52 18.64 -16.87 -26.03
C ARG A 52 19.04 -15.51 -25.46
N MET A 53 19.36 -15.53 -24.17
CA MET A 53 19.99 -14.38 -23.51
C MET A 53 21.44 -14.75 -23.25
N VAL A 54 22.35 -13.86 -23.61
CA VAL A 54 23.79 -14.12 -23.50
C VAL A 54 24.31 -13.36 -22.27
N SER A 55 25.03 -14.06 -21.40
CA SER A 55 25.62 -13.43 -20.23
C SER A 55 27.15 -13.38 -20.26
N LEU A 56 27.68 -12.15 -20.34
CA LEU A 56 29.11 -11.92 -20.47
C LEU A 56 29.79 -11.69 -19.13
N ASN A 57 31.10 -11.92 -19.10
CA ASN A 57 31.95 -11.59 -17.96
C ASN A 57 32.43 -10.16 -18.13
N PRO A 58 31.98 -9.22 -17.25
CA PRO A 58 32.35 -7.81 -17.38
C PRO A 58 33.83 -7.55 -17.15
N SER A 59 34.53 -8.53 -16.56
CA SER A 59 35.98 -8.46 -16.37
C SER A 59 36.76 -8.82 -17.65
N ALA A 60 36.09 -9.45 -18.61
CA ALA A 60 36.66 -9.99 -19.87
C ALA A 60 35.49 -10.31 -20.74
N PRO A 61 34.83 -9.28 -21.34
CA PRO A 61 33.54 -9.54 -22.00
C PRO A 61 33.57 -10.42 -23.27
N SER A 62 34.77 -10.83 -23.71
CA SER A 62 34.91 -11.88 -24.75
C SER A 62 34.43 -13.25 -24.24
N GLU A 63 34.35 -13.39 -22.91
CA GLU A 63 34.01 -14.65 -22.26
C GLU A 63 32.50 -14.75 -22.00
N VAL A 64 31.87 -15.81 -22.46
CA VAL A 64 30.44 -16.04 -22.19
C VAL A 64 30.29 -16.84 -20.89
N VAL A 65 29.81 -16.18 -19.82
CA VAL A 65 29.58 -16.89 -18.55
C VAL A 65 28.53 -17.99 -18.81
N GLY A 66 27.46 -17.63 -19.50
CA GLY A 66 26.48 -18.64 -19.85
C GLY A 66 25.43 -17.99 -20.67
N THR A 67 24.47 -18.81 -21.11
CA THR A 67 23.30 -18.33 -21.83
C THR A 67 22.04 -18.90 -21.19
N THR A 68 20.94 -18.19 -21.36
CA THR A 68 19.62 -18.72 -20.99
C THR A 68 18.65 -18.74 -22.16
N ALA A 69 17.54 -19.45 -21.96
CA ALA A 69 16.36 -19.33 -22.82
C ALA A 69 15.83 -17.91 -22.65
N LYS A 70 14.90 -17.54 -23.53
CA LYS A 70 14.38 -16.19 -23.58
C LYS A 70 12.84 -16.23 -23.62
N ALA A 71 12.19 -15.60 -22.63
CA ALA A 71 10.76 -15.56 -22.56
C ALA A 71 10.23 -14.36 -23.35
N GLY A 72 9.32 -14.62 -24.28
CA GLY A 72 8.47 -13.59 -24.91
C GLY A 72 7.03 -13.74 -24.39
N LYS A 73 6.05 -13.28 -25.16
CA LYS A 73 4.64 -13.30 -24.76
C LYS A 73 4.06 -14.67 -24.46
N ALA A 74 4.42 -15.66 -25.28
CA ALA A 74 3.83 -16.99 -25.16
C ALA A 74 4.30 -17.65 -23.87
N GLU A 75 5.56 -17.40 -23.53
CA GLU A 75 6.14 -17.96 -22.32
C GLU A 75 5.58 -17.25 -21.11
N ALA A 76 5.40 -15.93 -21.20
CA ALA A 76 4.67 -15.16 -20.17
C ALA A 76 3.26 -15.70 -19.94
N GLU A 77 2.51 -15.98 -21.03
CA GLU A 77 1.19 -16.62 -20.91
C GLU A 77 1.24 -18.02 -20.27
N ALA A 78 2.18 -18.86 -20.68
CA ALA A 78 2.31 -20.18 -20.05
C ALA A 78 2.64 -20.04 -18.55
N ALA A 79 3.52 -19.11 -18.21
CA ALA A 79 3.88 -18.88 -16.82
C ALA A 79 2.68 -18.37 -16.00
N LEU A 80 1.88 -17.48 -16.60
CA LEU A 80 0.64 -17.01 -15.94
C LEU A 80 -0.38 -18.11 -15.67
N GLU A 81 -0.66 -18.98 -16.65
CA GLU A 81 -1.51 -20.16 -16.42
C GLU A 81 -0.95 -21.01 -15.29
N ALA A 82 0.34 -21.32 -15.37
CA ALA A 82 0.97 -22.12 -14.33
C ALA A 82 0.91 -21.45 -12.93
N ALA A 83 1.15 -20.15 -12.83
CA ALA A 83 1.12 -19.50 -11.52
C ALA A 83 -0.27 -19.43 -10.87
N TRP A 84 -1.30 -19.18 -11.67
CA TRP A 84 -2.68 -19.05 -11.18
C TRP A 84 -3.23 -20.38 -10.78
N LYS A 85 -2.95 -21.37 -11.61
CA LYS A 85 -3.31 -22.74 -11.28
C LYS A 85 -2.63 -23.19 -9.96
N ALA A 86 -1.33 -22.90 -9.81
CA ALA A 86 -0.61 -23.26 -8.59
C ALA A 86 -1.23 -22.53 -7.39
N PHE A 87 -1.62 -21.28 -7.61
CA PHE A 87 -2.10 -20.41 -6.53
C PHE A 87 -3.32 -21.01 -5.84
N LYS A 88 -4.23 -21.60 -6.65
CA LYS A 88 -5.45 -22.24 -6.16
C LYS A 88 -5.21 -23.17 -4.98
N THR A 89 -4.13 -23.94 -5.01
CA THR A 89 -3.85 -24.87 -3.92
C THR A 89 -2.74 -24.41 -3.00
N TRP A 90 -1.75 -23.68 -3.52
CA TRP A 90 -0.66 -23.08 -2.70
C TRP A 90 -1.15 -22.14 -1.57
N LYS A 91 -2.16 -21.34 -1.86
CA LYS A 91 -2.76 -20.44 -0.89
C LYS A 91 -3.36 -21.18 0.31
N ASP A 92 -3.67 -22.46 0.12
CA ASP A 92 -4.30 -23.26 1.15
C ASP A 92 -3.31 -24.08 1.98
N TRP A 93 -2.02 -24.08 1.60
CA TRP A 93 -1.05 -24.74 2.46
C TRP A 93 -1.08 -24.11 3.85
N PRO A 94 -0.97 -24.93 4.95
CA PRO A 94 -0.69 -24.32 6.28
C PRO A 94 0.53 -23.38 6.17
N GLN A 95 0.54 -22.28 6.91
CA GLN A 95 1.72 -21.42 6.91
C GLN A 95 3.00 -22.18 7.30
N GLU A 96 2.89 -23.06 8.31
CA GLU A 96 4.03 -23.87 8.74
C GLU A 96 4.64 -24.68 7.59
N ASP A 97 3.80 -25.23 6.71
CA ASP A 97 4.28 -26.04 5.56
C ASP A 97 5.08 -25.17 4.55
N ARG A 98 4.54 -24.00 4.26
CA ARG A 98 5.19 -23.00 3.38
C ARG A 98 6.51 -22.46 3.99
N SER A 99 6.48 -22.15 5.28
CA SER A 99 7.69 -21.73 5.99
C SER A 99 8.78 -22.79 6.02
N ARG A 100 8.44 -24.04 6.32
CA ARG A 100 9.42 -25.16 6.17
C ARG A 100 10.01 -25.26 4.75
N LEU A 101 9.20 -25.01 3.73
CA LEU A 101 9.73 -25.08 2.38
C LEU A 101 10.80 -24.00 2.17
N LEU A 102 10.56 -22.78 2.69
CA LEU A 102 11.57 -21.70 2.68
C LEU A 102 12.82 -22.10 3.43
N LEU A 103 12.65 -22.71 4.60
CA LEU A 103 13.79 -23.15 5.42
C LEU A 103 14.64 -24.18 4.67
N LYS A 104 13.99 -25.06 3.90
CA LYS A 104 14.71 -26.07 3.13
C LYS A 104 15.48 -25.36 2.01
N ALA A 105 14.83 -24.41 1.33
CA ALA A 105 15.49 -23.59 0.32
C ALA A 105 16.69 -22.83 0.89
N ALA A 106 16.53 -22.19 2.06
CA ALA A 106 17.73 -21.58 2.73
C ALA A 106 18.88 -22.58 3.02
N ALA A 107 18.58 -23.79 3.51
CA ALA A 107 19.66 -24.78 3.83
C ALA A 107 20.38 -25.15 2.58
N LEU A 108 19.62 -25.34 1.49
CA LEU A 108 20.19 -25.66 0.20
C LEU A 108 21.04 -24.54 -0.39
N MET A 109 20.64 -23.27 -0.20
CA MET A 109 21.39 -22.18 -0.76
C MET A 109 22.73 -22.01 0.01
N ARG A 110 22.65 -22.13 1.33
CA ARG A 110 23.80 -22.09 2.22
C ARG A 110 24.83 -23.18 1.85
N ARG A 111 24.37 -24.39 1.54
CA ARG A 111 25.28 -25.45 1.08
C ARG A 111 25.96 -25.12 -0.27
N ARG A 112 25.37 -24.22 -1.06
CA ARG A 112 25.88 -23.86 -2.36
C ARG A 112 26.46 -22.45 -2.39
N LYS A 113 26.73 -21.89 -1.22
CA LYS A 113 27.05 -20.50 -1.21
C LYS A 113 28.38 -20.12 -1.87
N ARG A 114 29.41 -20.94 -1.76
CA ARG A 114 30.67 -20.57 -2.44
C ARG A 114 30.48 -20.54 -3.96
N GLU A 115 29.71 -21.51 -4.49
CA GLU A 115 29.43 -21.55 -5.93
C GLU A 115 28.61 -20.33 -6.39
N LEU A 116 27.58 -19.96 -5.64
CA LEU A 116 26.83 -18.74 -5.95
C LEU A 116 27.69 -17.49 -5.83
N GLU A 117 28.56 -17.44 -4.81
CA GLU A 117 29.47 -16.25 -4.74
C GLU A 117 30.39 -16.18 -5.97
N ALA A 118 30.98 -17.32 -6.30
CA ALA A 118 31.83 -17.48 -7.51
C ALA A 118 31.09 -17.06 -8.77
N THR A 119 29.83 -17.45 -8.88
CA THR A 119 29.00 -17.02 -10.01
C THR A 119 28.78 -15.51 -10.10
N LEU A 120 28.56 -14.85 -8.96
CA LEU A 120 28.49 -13.38 -8.94
C LEU A 120 29.82 -12.72 -9.30
N VAL A 121 30.93 -13.30 -8.87
CA VAL A 121 32.23 -12.70 -9.16
C VAL A 121 32.36 -12.59 -10.72
N TYR A 122 32.11 -13.71 -11.38
CA TYR A 122 32.24 -13.83 -12.85
C TYR A 122 31.14 -13.14 -13.63
N GLU A 123 29.89 -13.23 -13.16
CA GLU A 123 28.78 -12.69 -13.94
C GLU A 123 28.53 -11.20 -13.82
N VAL A 124 28.67 -10.64 -12.61
CA VAL A 124 28.42 -9.19 -12.41
C VAL A 124 29.66 -8.44 -11.87
N GLY A 125 30.79 -9.15 -11.74
CA GLY A 125 32.05 -8.46 -11.38
C GLY A 125 32.17 -8.00 -9.93
N LYS A 126 31.57 -8.77 -9.02
CA LYS A 126 31.77 -8.57 -7.59
C LYS A 126 33.09 -9.14 -7.16
N ASN A 127 33.80 -8.42 -6.28
CA ASN A 127 34.97 -8.99 -5.60
C ASN A 127 34.46 -10.00 -4.58
N TRP A 128 35.36 -10.67 -3.85
CA TRP A 128 34.94 -11.84 -3.06
C TRP A 128 34.02 -11.50 -1.88
N VAL A 129 34.36 -10.46 -1.14
CA VAL A 129 33.52 -10.01 -0.03
C VAL A 129 32.14 -9.45 -0.48
N GLU A 130 32.10 -8.66 -1.56
CA GLU A 130 30.81 -8.18 -2.08
C GLU A 130 29.94 -9.34 -2.51
N ALA A 131 30.55 -10.37 -3.10
CA ALA A 131 29.79 -11.56 -3.52
C ALA A 131 29.27 -12.30 -2.28
N SER A 132 30.12 -12.44 -1.28
CA SER A 132 29.73 -13.10 -0.03
C SER A 132 28.60 -12.37 0.72
N ALA A 133 28.65 -11.03 0.74
CA ALA A 133 27.56 -10.26 1.34
C ALA A 133 26.22 -10.45 0.67
N ASP A 134 26.24 -10.51 -0.67
CA ASP A 134 25.04 -10.69 -1.54
C ASP A 134 24.35 -12.05 -1.29
N VAL A 135 25.13 -13.12 -1.37
CA VAL A 135 24.57 -14.42 -1.11
C VAL A 135 24.06 -14.52 0.36
N ALA A 136 24.81 -13.98 1.33
CA ALA A 136 24.43 -14.08 2.74
C ALA A 136 23.09 -13.35 2.97
N GLU A 137 22.92 -12.21 2.28
CA GLU A 137 21.68 -11.42 2.35
C GLU A 137 20.47 -12.17 1.81
N ALA A 138 20.64 -12.92 0.72
CA ALA A 138 19.61 -13.80 0.14
C ALA A 138 19.25 -14.94 1.10
N ILE A 139 20.25 -15.55 1.73
CA ILE A 139 19.98 -16.55 2.78
C ILE A 139 19.14 -15.91 3.89
N ASP A 140 19.52 -14.68 4.30
CA ASP A 140 18.86 -13.97 5.38
C ASP A 140 17.41 -13.68 5.03
N PHE A 141 17.12 -13.31 3.77
CA PHE A 141 15.74 -13.03 3.36
C PHE A 141 14.87 -14.28 3.57
N ILE A 142 15.39 -15.44 3.15
CA ILE A 142 14.60 -16.65 3.23
C ILE A 142 14.37 -17.02 4.70
N GLU A 143 15.44 -17.08 5.48
CA GLU A 143 15.33 -17.38 6.91
C GLU A 143 14.37 -16.41 7.60
N TYR A 144 14.51 -15.12 7.30
CA TYR A 144 13.72 -14.08 7.95
C TYR A 144 12.24 -14.19 7.52
N TYR A 145 11.97 -14.27 6.23
CA TYR A 145 10.57 -14.33 5.77
C TYR A 145 9.86 -15.63 6.17
N ALA A 146 10.59 -16.73 6.23
CA ALA A 146 10.06 -17.99 6.75
C ALA A 146 9.48 -17.79 8.16
N ARG A 147 10.21 -17.10 9.04
CA ARG A 147 9.77 -16.84 10.38
C ARG A 147 8.68 -15.75 10.42
N ALA A 148 8.91 -14.65 9.71
CA ALA A 148 7.99 -13.52 9.77
C ALA A 148 6.59 -13.91 9.29
N ALA A 149 6.52 -14.80 8.30
CA ALA A 149 5.23 -15.29 7.75
C ALA A 149 4.32 -15.94 8.79
N LEU A 150 4.91 -16.58 9.81
CA LEU A 150 4.16 -17.21 10.88
C LEU A 150 3.42 -16.18 11.73
N ARG A 151 3.90 -14.94 11.77
CA ARG A 151 3.26 -13.88 12.58
C ARG A 151 1.91 -13.51 11.96
N TYR A 152 1.71 -13.90 10.70
CA TYR A 152 0.51 -13.53 9.99
C TYR A 152 -0.51 -14.66 9.85
N ARG A 153 -0.24 -15.82 10.45
CA ARG A 153 -1.07 -17.00 10.23
C ARG A 153 -2.49 -16.96 10.86
N TYR A 154 -3.39 -17.73 10.23
CA TYR A 154 -4.80 -17.86 10.61
C TYR A 154 -5.05 -18.06 12.11
N PRO A 155 -5.98 -17.26 12.71
CA PRO A 155 -6.43 -15.93 12.27
C PRO A 155 -5.66 -14.87 13.05
N ALA A 156 -4.87 -14.06 12.36
CA ALA A 156 -3.86 -13.20 13.03
C ALA A 156 -4.41 -11.86 13.55
N VAL A 157 -5.59 -11.46 13.10
CA VAL A 157 -6.01 -10.04 13.30
C VAL A 157 -6.71 -9.85 14.65
N GLU A 158 -6.29 -8.80 15.36
CA GLU A 158 -6.84 -8.42 16.65
C GLU A 158 -8.12 -7.61 16.45
N VAL A 159 -9.27 -8.15 16.87
CA VAL A 159 -10.57 -7.48 16.69
C VAL A 159 -11.27 -7.31 18.05
N VAL A 160 -12.28 -6.43 18.08
CA VAL A 160 -13.15 -6.20 19.24
C VAL A 160 -14.28 -7.25 19.19
N PRO A 161 -14.50 -7.99 20.29
CA PRO A 161 -15.57 -8.97 20.31
C PRO A 161 -16.96 -8.31 20.34
N TYR A 162 -17.99 -9.07 20.03
CA TYR A 162 -19.34 -8.54 20.06
C TYR A 162 -20.24 -9.61 20.64
N PRO A 163 -21.19 -9.24 21.53
CA PRO A 163 -22.11 -10.18 22.12
C PRO A 163 -22.77 -11.12 21.09
N GLY A 164 -22.80 -12.41 21.40
CA GLY A 164 -23.58 -13.36 20.58
C GLY A 164 -22.99 -13.74 19.22
N GLU A 165 -21.75 -13.31 18.95
CA GLU A 165 -21.10 -13.48 17.67
C GLU A 165 -19.67 -13.90 17.84
N ASP A 166 -19.19 -14.69 16.87
CA ASP A 166 -17.78 -14.82 16.57
C ASP A 166 -17.38 -13.87 15.45
N ASN A 167 -16.35 -13.06 15.70
CA ASN A 167 -15.80 -12.18 14.67
C ASN A 167 -14.36 -12.58 14.43
N GLU A 168 -14.10 -13.04 13.22
CA GLU A 168 -12.78 -13.57 12.86
C GLU A 168 -12.21 -12.86 11.65
N SER A 169 -11.10 -12.17 11.85
CA SER A 169 -10.42 -11.53 10.72
C SER A 169 -9.09 -12.20 10.46
N PHE A 170 -8.78 -12.38 9.19
CA PHE A 170 -7.57 -13.10 8.81
C PHE A 170 -7.05 -12.69 7.44
N TYR A 171 -5.77 -13.01 7.21
CA TYR A 171 -5.10 -12.63 5.97
C TYR A 171 -5.07 -13.75 4.96
N VAL A 172 -5.18 -13.37 3.70
CA VAL A 172 -5.09 -14.28 2.57
C VAL A 172 -4.13 -13.68 1.56
N PRO A 173 -3.41 -14.53 0.81
CA PRO A 173 -2.52 -14.03 -0.22
C PRO A 173 -3.33 -13.43 -1.40
N LEU A 174 -2.69 -12.60 -2.22
CA LEU A 174 -3.32 -11.87 -3.31
C LEU A 174 -3.57 -12.71 -4.56
N GLY A 175 -2.57 -13.50 -4.97
CA GLY A 175 -2.66 -14.21 -6.26
C GLY A 175 -1.32 -14.42 -6.92
N ALA A 176 -1.27 -14.36 -8.24
CA ALA A 176 -0.03 -14.47 -8.99
C ALA A 176 0.47 -13.07 -9.39
N GLY A 177 1.75 -12.84 -9.16
CA GLY A 177 2.34 -11.55 -9.46
C GLY A 177 3.69 -11.69 -10.15
N VAL A 178 4.23 -10.57 -10.59
CA VAL A 178 5.49 -10.59 -11.32
C VAL A 178 6.52 -9.88 -10.46
N VAL A 179 7.72 -10.45 -10.44
CA VAL A 179 8.89 -9.89 -9.76
C VAL A 179 9.91 -9.50 -10.82
N ILE A 180 10.41 -8.28 -10.77
CA ILE A 180 11.33 -7.77 -11.80
C ILE A 180 12.51 -7.18 -11.06
N ALA A 181 13.70 -7.71 -11.29
CA ALA A 181 14.83 -7.57 -10.37
C ALA A 181 16.01 -6.91 -11.08
N PRO A 182 16.91 -6.26 -10.32
CA PRO A 182 18.07 -5.62 -10.93
C PRO A 182 19.28 -6.53 -10.97
N TRP A 183 20.32 -6.10 -11.70
CA TRP A 183 21.53 -6.89 -11.83
C TRP A 183 22.49 -6.74 -10.66
N ASN A 184 22.31 -5.69 -9.84
CA ASN A 184 23.34 -5.33 -8.89
C ASN A 184 23.39 -6.13 -7.59
N PHE A 185 22.26 -6.73 -7.21
CA PHE A 185 22.14 -7.74 -6.16
C PHE A 185 21.29 -8.88 -6.73
N PRO A 186 21.85 -9.59 -7.73
CA PRO A 186 21.04 -10.58 -8.45
C PRO A 186 20.82 -11.88 -7.71
N VAL A 187 21.42 -12.04 -6.53
CA VAL A 187 21.05 -13.15 -5.67
C VAL A 187 20.14 -12.66 -4.51
N ALA A 188 20.61 -11.67 -3.74
CA ALA A 188 19.86 -11.15 -2.57
C ALA A 188 18.46 -10.60 -2.93
N ILE A 189 18.42 -9.56 -3.77
CA ILE A 189 17.15 -8.87 -4.07
C ILE A 189 16.23 -9.71 -4.92
N PHE A 190 16.81 -10.54 -5.78
CA PHE A 190 16.06 -11.42 -6.64
C PHE A 190 15.35 -12.43 -5.75
N THR A 191 16.09 -13.03 -4.82
CA THR A 191 15.54 -14.00 -3.86
C THR A 191 14.52 -13.39 -2.92
N GLY A 192 14.86 -12.26 -2.30
CA GLY A 192 13.98 -11.62 -1.33
C GLY A 192 12.63 -11.22 -1.92
N MET A 193 12.63 -10.69 -3.14
CA MET A 193 11.40 -10.24 -3.78
C MET A 193 10.52 -11.39 -4.20
N ILE A 194 11.14 -12.54 -4.41
CA ILE A 194 10.41 -13.76 -4.71
C ILE A 194 9.83 -14.45 -3.46
N VAL A 195 10.69 -14.78 -2.50
CA VAL A 195 10.28 -15.63 -1.37
C VAL A 195 9.39 -14.93 -0.35
N GLY A 196 9.51 -13.61 -0.25
CA GLY A 196 8.56 -12.81 0.56
C GLY A 196 7.09 -13.11 0.22
N PRO A 197 6.66 -12.71 -1.00
CA PRO A 197 5.30 -13.00 -1.49
C PRO A 197 4.91 -14.47 -1.44
N VAL A 198 5.82 -15.35 -1.89
CA VAL A 198 5.56 -16.78 -1.93
C VAL A 198 5.36 -17.37 -0.51
N ALA A 199 6.09 -16.87 0.49
CA ALA A 199 6.02 -17.41 1.87
C ALA A 199 4.56 -17.44 2.38
N VAL A 200 3.85 -16.36 2.11
CA VAL A 200 2.52 -16.16 2.62
C VAL A 200 1.40 -16.62 1.62
N GLY A 201 1.76 -17.28 0.52
CA GLY A 201 0.77 -18.02 -0.31
C GLY A 201 0.51 -17.49 -1.70
N ASN A 202 1.24 -16.44 -2.11
CA ASN A 202 1.21 -15.95 -3.46
C ASN A 202 2.08 -16.83 -4.36
N THR A 203 1.89 -16.70 -5.67
CA THR A 203 2.76 -17.38 -6.64
C THR A 203 3.42 -16.29 -7.47
N VAL A 204 4.56 -16.59 -8.09
CA VAL A 204 5.42 -15.53 -8.62
C VAL A 204 5.98 -15.95 -9.98
N ILE A 205 5.94 -15.01 -10.93
CA ILE A 205 6.69 -15.04 -12.18
C ILE A 205 7.87 -14.08 -12.04
N ALA A 206 9.08 -14.60 -12.13
CA ALA A 206 10.27 -13.82 -11.80
C ALA A 206 11.06 -13.46 -13.05
N LYS A 207 11.39 -12.19 -13.20
CA LYS A 207 12.08 -11.70 -14.41
C LYS A 207 13.45 -11.15 -13.99
N PRO A 208 14.53 -11.97 -14.11
CA PRO A 208 15.87 -11.49 -13.66
C PRO A 208 16.40 -10.41 -14.61
N ALA A 209 17.30 -9.56 -14.11
CA ALA A 209 17.94 -8.58 -14.98
C ALA A 209 18.72 -9.30 -16.09
N GLU A 210 18.71 -8.74 -17.31
CA GLU A 210 19.47 -9.28 -18.46
C GLU A 210 20.96 -9.63 -18.13
N ASP A 211 21.63 -8.75 -17.39
CA ASP A 211 23.04 -8.98 -17.03
C ASP A 211 23.28 -10.06 -15.96
N ALA A 212 22.22 -10.58 -15.37
CA ALA A 212 22.39 -11.51 -14.27
C ALA A 212 21.51 -12.76 -14.39
N VAL A 213 21.29 -13.19 -15.62
CA VAL A 213 20.35 -14.31 -15.86
C VAL A 213 20.92 -15.66 -15.38
N VAL A 214 22.25 -15.82 -15.38
CA VAL A 214 22.86 -17.09 -15.00
C VAL A 214 22.69 -17.39 -13.51
N VAL A 215 23.13 -16.47 -12.64
CA VAL A 215 22.94 -16.63 -11.20
C VAL A 215 21.44 -16.74 -10.84
N GLY A 216 20.55 -16.04 -11.57
CA GLY A 216 19.10 -16.25 -11.40
C GLY A 216 18.65 -17.67 -11.69
N ALA A 217 19.21 -18.31 -12.74
CA ALA A 217 18.86 -19.72 -13.02
C ALA A 217 19.33 -20.64 -11.87
N LYS A 218 20.44 -20.28 -11.25
CA LYS A 218 21.03 -21.11 -10.19
C LYS A 218 20.20 -21.02 -8.92
N VAL A 219 19.62 -19.85 -8.68
CA VAL A 219 18.68 -19.65 -7.55
C VAL A 219 17.47 -20.54 -7.82
N PHE A 220 17.02 -20.57 -9.07
CA PHE A 220 15.91 -21.46 -9.45
C PHE A 220 16.24 -22.94 -9.35
N GLU A 221 17.51 -23.30 -9.55
CA GLU A 221 17.92 -24.68 -9.31
C GLU A 221 17.68 -25.08 -7.85
N ILE A 222 17.98 -24.15 -6.96
CA ILE A 222 17.73 -24.29 -5.51
C ILE A 222 16.23 -24.45 -5.21
N PHE A 223 15.39 -23.61 -5.84
CA PHE A 223 13.92 -23.69 -5.64
C PHE A 223 13.41 -25.03 -6.08
N HIS A 224 13.88 -25.47 -7.24
CA HIS A 224 13.40 -26.71 -7.81
C HIS A 224 13.78 -27.89 -6.93
N GLU A 225 15.05 -27.92 -6.46
CA GLU A 225 15.49 -28.98 -5.53
C GLU A 225 14.75 -28.99 -4.18
N ALA A 226 14.44 -27.78 -3.67
CA ALA A 226 13.68 -27.61 -2.41
C ALA A 226 12.27 -28.24 -2.48
N GLY A 227 11.70 -28.24 -3.68
CA GLY A 227 10.40 -28.85 -3.92
C GLY A 227 9.21 -27.92 -3.94
N PHE A 228 9.37 -26.67 -4.37
CA PHE A 228 8.20 -25.77 -4.49
C PHE A 228 7.25 -26.40 -5.53
N PRO A 229 5.93 -26.48 -5.25
CA PRO A 229 5.06 -27.13 -6.24
C PRO A 229 5.12 -26.46 -7.62
N PRO A 230 4.76 -27.21 -8.68
CA PRO A 230 4.74 -26.66 -10.03
C PRO A 230 3.92 -25.38 -10.06
N GLY A 231 4.46 -24.36 -10.68
CA GLY A 231 3.73 -23.09 -10.75
C GLY A 231 3.97 -22.05 -9.67
N VAL A 232 4.47 -22.43 -8.50
CA VAL A 232 4.57 -21.47 -7.38
C VAL A 232 5.61 -20.42 -7.71
N VAL A 233 6.72 -20.85 -8.31
CA VAL A 233 7.78 -19.96 -8.73
C VAL A 233 8.18 -20.24 -10.19
N ASN A 234 8.20 -19.20 -11.02
CA ASN A 234 8.57 -19.31 -12.45
C ASN A 234 9.66 -18.32 -12.82
N PHE A 235 10.59 -18.75 -13.68
CA PHE A 235 11.84 -18.05 -14.05
C PHE A 235 11.73 -17.69 -15.51
N LEU A 236 11.61 -16.39 -15.79
CA LEU A 236 11.48 -15.88 -17.15
C LEU A 236 12.53 -14.84 -17.54
N PRO A 237 13.81 -15.26 -17.74
CA PRO A 237 14.80 -14.32 -18.28
C PRO A 237 14.32 -13.78 -19.62
N GLY A 238 14.56 -12.51 -19.87
CA GLY A 238 14.03 -11.83 -21.06
C GLY A 238 14.27 -10.34 -20.97
N VAL A 239 13.84 -9.61 -22.00
CA VAL A 239 14.08 -8.17 -22.12
C VAL A 239 13.05 -7.44 -21.27
N GLY A 240 13.50 -6.57 -20.39
CA GLY A 240 12.61 -5.92 -19.44
C GLY A 240 11.48 -5.16 -20.11
N GLU A 241 11.84 -4.39 -21.11
CA GLU A 241 10.86 -3.56 -21.86
C GLU A 241 9.94 -4.34 -22.78
N GLU A 242 10.24 -5.64 -22.95
CA GLU A 242 9.38 -6.56 -23.71
C GLU A 242 8.55 -7.45 -22.79
N VAL A 243 9.11 -8.57 -22.34
CA VAL A 243 8.34 -9.45 -21.46
C VAL A 243 8.04 -8.83 -20.10
N GLY A 244 8.94 -8.01 -19.55
CA GLY A 244 8.64 -7.34 -18.28
C GLY A 244 7.44 -6.39 -18.32
N ALA A 245 7.47 -5.43 -19.24
CA ALA A 245 6.33 -4.56 -19.51
C ALA A 245 5.04 -5.32 -19.81
N TYR A 246 5.15 -6.40 -20.58
CA TYR A 246 3.97 -7.22 -20.95
C TYR A 246 3.22 -7.73 -19.70
N LEU A 247 3.97 -8.30 -18.75
CA LEU A 247 3.41 -8.72 -17.44
C LEU A 247 2.93 -7.55 -16.56
N VAL A 248 3.73 -6.51 -16.42
CA VAL A 248 3.28 -5.29 -15.68
C VAL A 248 1.88 -4.80 -16.15
N GLU A 249 1.66 -4.85 -17.46
CA GLU A 249 0.45 -4.30 -18.08
C GLU A 249 -0.69 -5.31 -18.21
N HIS A 250 -0.44 -6.56 -17.86
CA HIS A 250 -1.38 -7.65 -18.14
C HIS A 250 -2.57 -7.56 -17.18
N PRO A 251 -3.83 -7.76 -17.66
CA PRO A 251 -4.99 -7.73 -16.74
C PRO A 251 -5.00 -8.81 -15.64
N ARG A 252 -4.34 -9.96 -15.89
CA ARG A 252 -4.30 -11.06 -14.93
C ARG A 252 -3.10 -11.03 -13.95
N ILE A 253 -2.28 -10.00 -14.02
CA ILE A 253 -1.18 -9.87 -13.04
C ILE A 253 -1.69 -9.14 -11.77
N ARG A 254 -1.60 -9.82 -10.64
CA ARG A 254 -2.22 -9.31 -9.41
C ARG A 254 -1.40 -8.24 -8.72
N PHE A 255 -0.07 -8.42 -8.68
CA PHE A 255 0.85 -7.43 -8.04
C PHE A 255 2.17 -7.36 -8.80
N ILE A 256 2.96 -6.31 -8.58
CA ILE A 256 4.26 -6.20 -9.21
C ILE A 256 5.22 -5.84 -8.08
N ASN A 257 6.32 -6.58 -7.97
CA ASN A 257 7.36 -6.29 -6.97
C ASN A 257 8.58 -5.96 -7.77
N PHE A 258 9.02 -4.69 -7.71
CA PHE A 258 10.05 -4.20 -8.60
C PHE A 258 11.17 -3.51 -7.82
N THR A 259 12.42 -3.80 -8.19
CA THR A 259 13.56 -3.02 -7.73
C THR A 259 14.41 -2.61 -8.94
N GLY A 260 14.72 -1.33 -9.08
CA GLY A 260 15.57 -0.90 -10.20
C GLY A 260 15.60 0.61 -10.34
N SER A 261 15.82 1.09 -11.56
CA SER A 261 16.02 2.52 -11.84
C SER A 261 14.73 3.27 -11.62
N LEU A 262 14.85 4.53 -11.23
CA LEU A 262 13.68 5.38 -11.11
C LEU A 262 12.90 5.47 -12.44
N GLU A 263 13.62 5.66 -13.54
CA GLU A 263 12.98 5.75 -14.87
C GLU A 263 12.00 4.59 -15.15
N VAL A 264 12.45 3.37 -14.90
CA VAL A 264 11.59 2.21 -15.10
C VAL A 264 10.47 2.17 -14.05
N GLY A 265 10.82 2.47 -12.81
CA GLY A 265 9.88 2.38 -11.68
C GLY A 265 8.70 3.34 -11.84
N LEU A 266 8.96 4.52 -12.41
CA LEU A 266 7.91 5.47 -12.79
C LEU A 266 6.92 4.93 -13.81
N LYS A 267 7.42 4.24 -14.83
CA LYS A 267 6.58 3.61 -15.84
C LYS A 267 5.74 2.47 -15.29
N ILE A 268 6.36 1.63 -14.46
CA ILE A 268 5.67 0.50 -13.82
C ILE A 268 4.53 0.98 -12.93
N TYR A 269 4.81 1.99 -12.11
CA TYR A 269 3.84 2.50 -11.15
C TYR A 269 2.69 3.19 -11.85
N GLU A 270 3.00 3.99 -12.89
CA GLU A 270 1.97 4.56 -13.76
C GLU A 270 1.08 3.48 -14.41
N ALA A 271 1.69 2.48 -15.03
CA ALA A 271 0.92 1.37 -15.66
C ALA A 271 0.07 0.52 -14.68
N ALA A 272 0.59 0.34 -13.47
CA ALA A 272 -0.12 -0.40 -12.42
C ALA A 272 -1.39 0.28 -11.99
N GLY A 273 -1.45 1.62 -12.14
CA GLY A 273 -2.63 2.44 -11.74
C GLY A 273 -3.78 2.38 -12.76
N ARG A 274 -3.50 1.78 -13.91
CA ARG A 274 -4.49 1.66 -15.00
C ARG A 274 -5.20 0.33 -14.89
N LEU A 275 -6.47 0.30 -15.32
CA LEU A 275 -7.24 -0.93 -15.39
C LEU A 275 -7.11 -1.43 -16.82
N ALA A 276 -6.33 -2.49 -17.04
CA ALA A 276 -6.16 -3.10 -18.36
C ALA A 276 -7.50 -3.74 -18.75
N PRO A 277 -7.78 -3.91 -20.08
CA PRO A 277 -9.10 -4.43 -20.48
C PRO A 277 -9.39 -5.77 -19.81
N GLY A 278 -10.51 -5.83 -19.13
CA GLY A 278 -10.89 -7.05 -18.45
C GLY A 278 -10.28 -7.28 -17.07
N GLN A 279 -9.51 -6.32 -16.55
CA GLN A 279 -8.84 -6.50 -15.25
C GLN A 279 -9.91 -6.37 -14.16
N THR A 280 -9.84 -7.17 -13.09
CA THR A 280 -10.86 -7.17 -12.03
C THR A 280 -10.37 -6.79 -10.64
N TRP A 281 -9.32 -5.99 -10.59
CA TRP A 281 -8.75 -5.56 -9.32
C TRP A 281 -7.89 -4.31 -9.50
N PHE A 282 -7.59 -3.66 -8.38
CA PHE A 282 -6.64 -2.58 -8.37
C PHE A 282 -5.27 -3.22 -8.14
N LYS A 283 -4.39 -3.07 -9.13
CA LYS A 283 -3.06 -3.65 -9.03
C LYS A 283 -2.30 -3.04 -7.86
N ARG A 284 -1.58 -3.89 -7.13
CA ARG A 284 -0.55 -3.40 -6.18
C ARG A 284 0.85 -3.36 -6.81
N ALA A 285 1.58 -2.26 -6.61
CA ALA A 285 2.94 -2.09 -7.18
C ALA A 285 3.89 -1.51 -6.17
N TYR A 286 4.93 -2.29 -5.88
CA TYR A 286 6.02 -1.86 -5.04
C TYR A 286 7.18 -1.58 -5.96
N VAL A 287 7.66 -0.35 -5.92
CA VAL A 287 8.82 0.03 -6.73
C VAL A 287 9.85 0.62 -5.77
N GLU A 288 11.02 -0.02 -5.70
CA GLU A 288 12.12 0.52 -4.94
C GLU A 288 13.20 0.92 -5.94
N THR A 289 13.44 2.21 -6.01
CA THR A 289 14.15 2.85 -7.11
C THR A 289 15.48 3.42 -6.55
N GLY A 290 16.16 4.32 -7.25
CA GLY A 290 17.53 4.56 -6.73
C GLY A 290 17.69 5.53 -5.58
N GLY A 291 18.90 6.07 -5.42
CA GLY A 291 19.14 7.18 -4.49
C GLY A 291 20.23 8.08 -4.99
N LYS A 292 20.37 9.25 -4.36
CA LYS A 292 21.56 10.08 -4.44
C LYS A 292 22.01 10.31 -2.99
N ASP A 293 22.71 9.31 -2.47
CA ASP A 293 22.92 9.15 -1.04
C ASP A 293 24.16 9.91 -0.59
N ALA A 294 24.02 10.70 0.47
CA ALA A 294 25.09 11.51 1.01
C ALA A 294 25.57 11.00 2.35
N ILE A 295 26.87 11.19 2.57
CA ILE A 295 27.43 11.19 3.91
C ILE A 295 27.80 12.64 4.28
N ILE A 296 27.33 13.07 5.45
CA ILE A 296 27.73 14.37 6.02
C ILE A 296 28.87 14.13 7.00
N VAL A 297 29.89 15.00 6.99
CA VAL A 297 30.91 14.95 8.06
C VAL A 297 31.08 16.37 8.63
N ASP A 298 31.03 16.50 9.95
CA ASP A 298 31.31 17.78 10.59
C ASP A 298 32.66 17.75 11.29
N GLU A 299 33.06 18.88 11.87
CA GLU A 299 34.41 19.03 12.37
C GLU A 299 34.64 18.30 13.69
N THR A 300 33.57 17.76 14.28
CA THR A 300 33.68 17.00 15.54
C THR A 300 33.99 15.53 15.29
N ALA A 301 33.92 15.12 14.02
CA ALA A 301 34.03 13.71 13.68
C ALA A 301 35.42 13.14 13.86
N ASP A 302 35.50 11.81 13.95
CA ASP A 302 36.77 11.11 13.83
C ASP A 302 37.04 11.04 12.31
N PHE A 303 38.01 11.83 11.86
CA PHE A 303 38.19 12.02 10.42
C PHE A 303 38.73 10.77 9.72
N ASP A 304 39.49 9.92 10.43
CA ASP A 304 40.00 8.67 9.86
C ASP A 304 38.90 7.62 9.70
N LEU A 305 38.07 7.52 10.73
CA LEU A 305 36.88 6.65 10.71
C LEU A 305 35.97 7.10 9.58
N ALA A 306 35.76 8.41 9.45
CA ALA A 306 34.92 8.91 8.36
C ALA A 306 35.48 8.59 6.97
N ALA A 307 36.77 8.85 6.79
CA ALA A 307 37.37 8.69 5.48
C ALA A 307 37.22 7.24 5.02
N GLU A 308 37.48 6.34 5.94
CA GLU A 308 37.33 4.92 5.69
C GLU A 308 35.88 4.47 5.34
N GLY A 309 34.89 4.90 6.11
CA GLY A 309 33.49 4.56 5.79
C GLY A 309 32.99 5.20 4.48
N VAL A 310 33.47 6.40 4.19
CA VAL A 310 33.14 7.05 2.94
C VAL A 310 33.63 6.26 1.73
N VAL A 311 34.88 5.79 1.81
CA VAL A 311 35.51 5.02 0.73
C VAL A 311 34.81 3.68 0.50
N VAL A 312 34.59 2.94 1.58
CA VAL A 312 33.77 1.75 1.51
C VAL A 312 32.38 2.04 0.87
N SER A 313 31.66 3.03 1.43
CA SER A 313 30.33 3.40 0.92
C SER A 313 30.33 3.87 -0.55
N ALA A 314 31.35 4.65 -0.97
CA ALA A 314 31.39 5.25 -2.32
C ALA A 314 31.78 4.25 -3.41
N TYR A 315 32.67 3.34 -3.05
CA TYR A 315 33.41 2.53 -4.02
C TYR A 315 33.13 1.04 -3.92
N GLY A 316 32.55 0.57 -2.80
CA GLY A 316 32.17 -0.88 -2.70
C GLY A 316 31.31 -1.30 -3.90
N PHE A 317 31.56 -2.47 -4.48
CA PHE A 317 30.95 -2.87 -5.78
C PHE A 317 30.92 -1.76 -6.83
N GLN A 318 31.97 -0.95 -6.85
CA GLN A 318 32.14 0.03 -7.90
C GLN A 318 31.13 1.18 -7.86
N GLY A 319 30.51 1.40 -6.71
CA GLY A 319 29.51 2.45 -6.56
C GLY A 319 28.19 2.06 -7.16
N GLN A 320 28.05 0.79 -7.50
CA GLN A 320 26.86 0.27 -8.21
C GLN A 320 25.79 -0.22 -7.20
N LYS A 321 25.45 0.65 -6.25
CA LYS A 321 24.47 0.29 -5.22
C LYS A 321 23.49 1.43 -5.06
N CSO A 322 22.22 1.09 -4.85
CA CSO A 322 21.21 2.08 -4.53
CB CSO A 322 19.84 1.37 -4.46
SG CSO A 322 19.90 -0.08 -3.34
C CSO A 322 21.55 2.79 -3.22
O CSO A 322 21.12 3.92 -2.99
OD CSO A 322 20.91 -1.35 -4.11
N SER A 323 22.37 2.14 -2.40
CA SER A 323 22.76 2.65 -1.08
C SER A 323 24.11 3.39 -1.05
N ALA A 324 24.84 3.39 -2.18
CA ALA A 324 26.20 3.98 -2.27
C ALA A 324 26.27 5.48 -1.91
N ALA A 325 27.30 5.89 -1.16
CA ALA A 325 27.55 7.34 -1.00
C ALA A 325 28.06 7.89 -2.33
N SER A 326 27.21 8.66 -3.01
CA SER A 326 27.60 9.39 -4.22
C SER A 326 27.83 10.89 -3.93
N ARG A 327 27.49 11.33 -2.71
CA ARG A 327 27.71 12.71 -2.25
C ARG A 327 28.45 12.71 -0.93
N LEU A 328 29.47 13.53 -0.80
CA LEU A 328 30.14 13.72 0.50
C LEU A 328 30.00 15.18 0.87
N ILE A 329 29.23 15.48 1.92
CA ILE A 329 28.92 16.86 2.24
C ILE A 329 29.76 17.19 3.46
N LEU A 330 30.66 18.15 3.31
CA LEU A 330 31.65 18.43 4.36
C LEU A 330 31.45 19.86 4.85
N THR A 331 31.27 20.03 6.16
CA THR A 331 31.24 21.37 6.75
C THR A 331 32.63 22.03 6.63
N GLN A 332 32.71 23.33 6.83
CA GLN A 332 33.95 24.05 6.57
C GLN A 332 35.15 23.48 7.36
N GLY A 333 34.98 23.22 8.65
CA GLY A 333 36.08 22.71 9.47
C GLY A 333 36.44 21.26 9.18
N ALA A 334 35.53 20.50 8.56
CA ALA A 334 35.81 19.13 8.11
C ALA A 334 36.40 19.05 6.68
N TYR A 335 36.18 20.07 5.85
CA TYR A 335 36.53 20.00 4.43
C TYR A 335 37.96 19.50 4.11
N GLU A 336 38.99 20.27 4.46
CA GLU A 336 40.37 19.84 4.16
C GLU A 336 40.76 18.50 4.81
N PRO A 337 40.63 18.38 6.15
CA PRO A 337 41.11 17.14 6.74
C PRO A 337 40.42 15.86 6.23
N VAL A 338 39.12 15.89 5.96
CA VAL A 338 38.42 14.70 5.42
C VAL A 338 38.74 14.45 3.93
N LEU A 339 38.67 15.49 3.12
CA LEU A 339 38.95 15.31 1.70
C LEU A 339 40.34 14.71 1.44
N GLU A 340 41.37 15.25 2.11
CA GLU A 340 42.74 14.72 2.08
C GLU A 340 42.77 13.23 2.42
N ARG A 341 42.13 12.86 3.52
CA ARG A 341 42.12 11.46 3.96
C ARG A 341 41.38 10.57 2.99
N VAL A 342 40.28 11.09 2.42
CA VAL A 342 39.50 10.32 1.42
C VAL A 342 40.32 10.14 0.13
N LEU A 343 41.00 11.19 -0.32
CA LEU A 343 41.83 11.11 -1.52
C LEU A 343 43.00 10.13 -1.36
N LYS A 344 43.62 10.16 -0.19
CA LYS A 344 44.73 9.26 0.16
C LYS A 344 44.34 7.80 0.22
N ARG A 345 43.19 7.52 0.81
CA ARG A 345 42.64 6.18 0.80
C ARG A 345 42.21 5.73 -0.58
N ALA A 346 41.49 6.57 -1.31
CA ALA A 346 40.93 6.16 -2.59
C ALA A 346 41.98 5.92 -3.68
N GLU A 347 43.08 6.68 -3.64
CA GLU A 347 44.12 6.50 -4.66
C GLU A 347 44.88 5.16 -4.51
N ARG A 348 44.80 4.54 -3.34
CA ARG A 348 45.37 3.21 -3.10
C ARG A 348 44.45 2.04 -3.49
N LEU A 349 43.23 2.33 -3.97
CA LEU A 349 42.31 1.25 -4.33
C LEU A 349 42.78 0.52 -5.60
N SER A 350 42.80 -0.82 -5.54
CA SER A 350 43.10 -1.64 -6.71
C SER A 350 41.87 -1.87 -7.57
N VAL A 351 42.10 -1.93 -8.88
CA VAL A 351 41.06 -2.16 -9.87
C VAL A 351 41.54 -3.27 -10.80
N GLY A 352 40.75 -4.31 -11.00
CA GLY A 352 41.15 -5.38 -11.91
C GLY A 352 40.05 -6.43 -11.98
N PRO A 353 40.31 -7.57 -12.67
CA PRO A 353 39.26 -8.55 -12.84
C PRO A 353 38.81 -9.01 -11.46
N ALA A 354 37.52 -9.17 -11.31
CA ALA A 354 36.89 -9.53 -10.03
C ALA A 354 37.46 -10.80 -9.36
N GLU A 355 37.84 -11.79 -10.17
CA GLU A 355 38.38 -13.08 -9.65
C GLU A 355 39.68 -12.90 -8.88
N GLU A 356 40.40 -11.82 -9.15
CA GLU A 356 41.61 -11.46 -8.39
C GLU A 356 41.31 -10.88 -6.99
N ASN A 357 40.02 -10.73 -6.65
CA ASN A 357 39.58 -10.02 -5.43
C ASN A 357 40.18 -8.60 -5.29
N PRO A 358 40.00 -7.75 -6.31
CA PRO A 358 40.54 -6.39 -6.18
C PRO A 358 39.59 -5.58 -5.26
N ASP A 359 39.96 -4.34 -4.97
CA ASP A 359 39.05 -3.43 -4.26
C ASP A 359 37.82 -3.14 -5.11
N LEU A 360 38.06 -2.97 -6.40
CA LEU A 360 37.00 -2.72 -7.38
C LEU A 360 37.20 -3.66 -8.56
N GLY A 361 36.14 -4.33 -8.97
CA GLY A 361 36.11 -4.95 -10.29
C GLY A 361 35.67 -3.95 -11.34
N PRO A 362 35.13 -4.46 -12.46
CA PRO A 362 34.61 -3.64 -13.56
C PRO A 362 33.17 -3.19 -13.29
N VAL A 363 32.70 -2.18 -14.01
CA VAL A 363 31.26 -1.92 -14.07
C VAL A 363 30.64 -3.04 -14.91
N VAL A 364 29.32 -3.18 -14.87
CA VAL A 364 28.69 -4.46 -15.27
C VAL A 364 28.60 -4.73 -16.78
N SER A 365 28.59 -3.68 -17.59
CA SER A 365 28.32 -3.81 -19.03
C SER A 365 28.92 -2.62 -19.76
N ALA A 366 28.98 -2.74 -21.10
CA ALA A 366 29.39 -1.65 -21.98
C ALA A 366 28.46 -0.47 -21.85
N GLU A 367 27.15 -0.69 -21.75
CA GLU A 367 26.22 0.43 -21.51
C GLU A 367 26.43 1.15 -20.16
N GLN A 368 26.65 0.38 -19.07
CA GLN A 368 26.97 1.02 -17.77
C GLN A 368 28.23 1.86 -17.89
N GLU A 369 29.24 1.29 -18.55
CA GLU A 369 30.50 1.99 -18.74
C GLU A 369 30.35 3.31 -19.51
N ARG A 370 29.65 3.25 -20.64
CA ARG A 370 29.29 4.43 -21.44
C ARG A 370 28.62 5.53 -20.60
N LYS A 371 27.59 5.14 -19.87
CA LYS A 371 26.87 6.04 -19.01
C LYS A 371 27.73 6.66 -17.91
N VAL A 372 28.49 5.85 -17.18
CA VAL A 372 29.39 6.38 -16.13
C VAL A 372 30.45 7.37 -16.72
N LEU A 373 31.05 7.01 -17.85
CA LEU A 373 32.09 7.85 -18.47
C LEU A 373 31.49 9.15 -18.96
N SER A 374 30.25 9.06 -19.39
CA SER A 374 29.51 10.21 -19.89
C SER A 374 29.23 11.20 -18.76
N TYR A 375 28.84 10.67 -17.61
CA TYR A 375 28.61 11.49 -16.41
C TYR A 375 29.92 12.13 -15.93
N ILE A 376 31.02 11.37 -16.05
CA ILE A 376 32.32 11.90 -15.72
C ILE A 376 32.61 13.16 -16.60
N GLU A 377 32.30 13.09 -17.89
CA GLU A 377 32.52 14.26 -18.77
C GLU A 377 31.64 15.44 -18.38
N ILE A 378 30.40 15.16 -18.00
CA ILE A 378 29.48 16.20 -17.50
C ILE A 378 30.05 16.85 -16.23
N GLY A 379 30.53 16.00 -15.32
CA GLY A 379 31.08 16.40 -14.02
C GLY A 379 32.28 17.33 -14.17
N LYS A 380 33.13 17.04 -15.17
CA LYS A 380 34.29 17.89 -15.56
C LYS A 380 33.93 19.34 -15.84
N ASN A 381 32.68 19.58 -16.26
CA ASN A 381 32.19 20.93 -16.48
C ASN A 381 31.30 21.45 -15.37
N GLU A 382 31.27 20.74 -14.24
CA GLU A 382 30.40 21.17 -13.15
C GLU A 382 31.18 21.34 -11.85
N GLY A 383 32.07 20.40 -11.55
CA GLY A 383 32.95 20.53 -10.40
C GLY A 383 34.41 20.34 -10.77
N GLN A 384 35.25 20.19 -9.74
CA GLN A 384 36.67 20.04 -9.94
C GLN A 384 37.12 18.59 -9.88
N LEU A 385 37.61 18.02 -10.98
CA LEU A 385 38.13 16.65 -10.93
C LEU A 385 39.43 16.58 -10.09
N VAL A 386 39.46 15.78 -9.02
CA VAL A 386 40.68 15.67 -8.18
C VAL A 386 41.26 14.25 -8.06
N LEU A 387 40.56 13.27 -8.66
CA LEU A 387 41.01 11.88 -8.67
C LEU A 387 40.32 11.08 -9.76
N GLY A 388 41.08 10.23 -10.45
CA GLY A 388 40.55 9.29 -11.45
C GLY A 388 39.91 9.99 -12.63
N GLY A 389 38.68 9.62 -12.93
CA GLY A 389 37.95 10.19 -14.06
C GLY A 389 38.24 9.49 -15.37
N LYS A 390 38.87 8.32 -15.32
CA LYS A 390 39.38 7.62 -16.52
C LYS A 390 38.91 6.19 -16.58
N ARG A 391 38.67 5.73 -17.81
CA ARG A 391 38.66 4.31 -18.18
C ARG A 391 40.10 3.79 -17.94
N LEU A 392 40.21 2.57 -17.44
CA LEU A 392 41.52 1.95 -17.34
C LEU A 392 41.73 1.03 -18.53
N GLU A 393 43.00 0.72 -18.81
CA GLU A 393 43.37 -0.19 -19.90
C GLU A 393 42.78 -1.58 -19.71
N GLY A 394 42.40 -2.22 -20.81
CA GLY A 394 41.91 -3.59 -20.73
C GLY A 394 40.53 -3.74 -21.31
N GLU A 395 40.19 -4.97 -21.63
CA GLU A 395 38.94 -5.30 -22.29
C GLU A 395 37.75 -5.23 -21.32
N GLY A 396 38.00 -5.58 -20.05
CA GLY A 396 36.95 -5.47 -19.00
C GLY A 396 36.55 -4.03 -18.80
N TYR A 397 35.41 -3.78 -18.15
CA TYR A 397 34.88 -2.42 -18.04
C TYR A 397 35.38 -1.65 -16.79
N PHE A 398 36.69 -1.37 -16.75
CA PHE A 398 37.32 -0.88 -15.55
C PHE A 398 37.36 0.63 -15.54
N ILE A 399 36.85 1.24 -14.45
CA ILE A 399 36.81 2.68 -14.32
C ILE A 399 37.49 2.96 -12.99
N ALA A 400 38.43 3.90 -13.01
CA ALA A 400 39.15 4.31 -11.82
C ALA A 400 38.22 4.99 -10.78
N PRO A 401 38.45 4.75 -9.48
CA PRO A 401 37.75 5.59 -8.48
C PRO A 401 37.90 7.09 -8.79
N THR A 402 36.78 7.81 -8.80
CA THR A 402 36.73 9.19 -9.29
C THR A 402 36.17 10.10 -8.17
N VAL A 403 36.80 11.27 -7.99
CA VAL A 403 36.32 12.28 -7.07
C VAL A 403 36.24 13.62 -7.80
N PHE A 404 35.09 14.28 -7.65
CA PHE A 404 34.93 15.70 -7.99
C PHE A 404 34.73 16.47 -6.70
N THR A 405 35.38 17.61 -6.59
CA THR A 405 35.14 18.50 -5.48
C THR A 405 34.60 19.88 -5.89
N GLU A 406 34.25 20.68 -4.89
CA GLU A 406 33.58 21.98 -5.05
C GLU A 406 32.39 21.84 -5.99
N VAL A 407 31.64 20.75 -5.83
CA VAL A 407 30.48 20.52 -6.67
C VAL A 407 29.29 21.38 -6.20
N PRO A 408 28.67 22.16 -7.11
CA PRO A 408 27.40 22.81 -6.79
C PRO A 408 26.30 21.78 -6.43
N PRO A 409 25.58 22.03 -5.32
CA PRO A 409 24.50 21.12 -4.87
C PRO A 409 23.48 20.80 -5.95
N LYS A 410 23.27 21.75 -6.88
CA LYS A 410 22.35 21.52 -7.97
C LYS A 410 23.01 21.03 -9.24
N ALA A 411 24.32 20.81 -9.23
CA ALA A 411 24.97 20.18 -10.39
C ALA A 411 24.28 18.85 -10.72
N ARG A 412 24.18 18.53 -12.02
CA ARG A 412 23.71 17.20 -12.45
C ARG A 412 24.40 16.03 -11.71
N ILE A 413 25.72 16.10 -11.52
CA ILE A 413 26.47 15.04 -10.82
C ILE A 413 26.18 14.99 -9.31
N ALA A 414 25.52 16.03 -8.78
CA ALA A 414 25.09 16.11 -7.35
C ALA A 414 23.62 15.80 -7.16
N GLN A 415 22.94 15.44 -8.26
CA GLN A 415 21.48 15.26 -8.30
C GLN A 415 21.08 13.92 -8.88
N GLU A 416 21.74 13.54 -9.97
CA GLU A 416 21.36 12.36 -10.77
C GLU A 416 22.19 11.15 -10.37
N GLU A 417 21.52 10.00 -10.31
CA GLU A 417 22.19 8.74 -9.93
C GLU A 417 23.10 8.24 -11.05
N ILE A 418 24.40 8.29 -10.79
CA ILE A 418 25.40 7.89 -11.77
C ILE A 418 25.66 6.37 -11.73
N PHE A 419 25.64 5.81 -10.52
CA PHE A 419 25.72 4.33 -10.31
C PHE A 419 27.08 3.77 -10.74
N GLY A 420 28.12 4.54 -10.44
CA GLY A 420 29.47 4.17 -10.79
C GLY A 420 30.42 4.67 -9.71
N PRO A 421 31.74 4.44 -9.91
CA PRO A 421 32.68 4.81 -8.84
C PRO A 421 33.02 6.30 -8.88
N VAL A 422 32.00 7.12 -8.65
CA VAL A 422 32.07 8.58 -8.85
C VAL A 422 31.48 9.33 -7.63
N LEU A 423 32.38 9.93 -6.85
CA LEU A 423 32.00 10.64 -5.66
C LEU A 423 32.04 12.16 -5.87
N SER A 424 30.94 12.83 -5.49
CA SER A 424 30.81 14.30 -5.57
C SER A 424 30.90 14.89 -4.17
N VAL A 425 31.93 15.70 -3.96
CA VAL A 425 32.19 16.37 -2.66
C VAL A 425 31.64 17.80 -2.70
N ILE A 426 30.83 18.14 -1.70
CA ILE A 426 30.13 19.41 -1.59
C ILE A 426 30.59 20.11 -0.30
N ARG A 427 31.04 21.35 -0.40
CA ARG A 427 31.53 22.09 0.78
C ARG A 427 30.43 22.99 1.32
N VAL A 428 30.10 22.88 2.60
CA VAL A 428 29.05 23.71 3.21
C VAL A 428 29.59 24.40 4.48
N LYS A 429 28.84 25.38 4.96
CA LYS A 429 29.26 26.15 6.09
C LYS A 429 29.17 25.34 7.38
N ASP A 430 28.01 24.74 7.66
CA ASP A 430 27.71 24.16 8.96
C ASP A 430 26.75 22.97 8.87
N PHE A 431 26.36 22.41 10.01
CA PHE A 431 25.56 21.17 10.02
C PHE A 431 24.15 21.44 9.49
N ALA A 432 23.64 22.65 9.77
CA ALA A 432 22.34 23.09 9.28
C ALA A 432 22.34 23.12 7.75
N GLU A 433 23.34 23.76 7.18
CA GLU A 433 23.45 23.77 5.72
C GLU A 433 23.75 22.38 5.18
N ALA A 434 24.57 21.60 5.88
CA ALA A 434 24.81 20.18 5.50
C ALA A 434 23.49 19.41 5.31
N LEU A 435 22.57 19.60 6.25
CA LEU A 435 21.26 18.93 6.19
C LEU A 435 20.37 19.39 5.04
N GLU A 436 20.35 20.70 4.77
CA GLU A 436 19.56 21.24 3.64
C GLU A 436 20.01 20.58 2.33
N VAL A 437 21.31 20.62 2.06
CA VAL A 437 21.89 20.07 0.83
C VAL A 437 21.59 18.55 0.77
N ALA A 438 21.70 17.85 1.90
CA ALA A 438 21.42 16.42 1.96
C ALA A 438 19.98 16.11 1.56
N ASN A 439 19.03 16.89 2.07
CA ASN A 439 17.61 16.69 1.78
C ASN A 439 17.18 17.17 0.38
N ASP A 440 17.96 18.05 -0.21
CA ASP A 440 17.53 18.70 -1.43
C ASP A 440 17.91 17.93 -2.69
N THR A 441 17.31 16.75 -2.84
CA THR A 441 17.38 15.93 -4.04
C THR A 441 15.97 15.34 -4.23
N PRO A 442 15.67 14.75 -5.40
CA PRO A 442 14.40 13.98 -5.54
C PRO A 442 14.29 12.67 -4.69
N TYR A 443 15.43 12.23 -4.16
CA TYR A 443 15.58 10.89 -3.58
C TYR A 443 15.57 10.90 -2.05
N GLY A 444 15.57 9.73 -1.41
CA GLY A 444 15.55 9.65 0.07
C GLY A 444 15.81 8.21 0.54
N LEU A 445 16.89 7.63 0.01
CA LEU A 445 17.17 6.22 0.27
C LEU A 445 18.10 5.99 1.47
N THR A 446 19.42 6.25 1.30
CA THR A 446 20.37 6.14 2.42
C THR A 446 21.10 7.44 2.71
N GLY A 447 21.64 7.55 3.94
CA GLY A 447 22.35 8.76 4.33
C GLY A 447 23.21 8.37 5.49
N GLY A 448 24.23 9.18 5.75
CA GLY A 448 25.14 8.96 6.86
C GLY A 448 25.64 10.26 7.45
N VAL A 449 25.92 10.24 8.74
CA VAL A 449 26.57 11.33 9.41
C VAL A 449 27.75 10.76 10.22
N TYR A 450 28.94 11.29 9.99
CA TYR A 450 30.04 11.15 10.96
C TYR A 450 30.13 12.46 11.77
N SER A 451 30.00 12.31 13.08
CA SER A 451 30.00 13.42 14.03
C SER A 451 30.08 12.81 15.43
N ARG A 452 30.80 13.47 16.33
CA ARG A 452 30.69 13.11 17.73
C ARG A 452 29.64 13.93 18.50
N LYS A 453 29.10 14.98 17.87
CA LYS A 453 28.19 15.87 18.60
C LYS A 453 26.79 15.27 18.67
N ARG A 454 26.30 15.00 19.90
CA ARG A 454 25.02 14.28 20.09
C ARG A 454 23.86 15.03 19.46
N GLU A 455 23.90 16.36 19.57
CA GLU A 455 22.79 17.20 19.09
C GLU A 455 22.68 17.22 17.57
N HIS A 456 23.83 17.13 16.88
CA HIS A 456 23.85 16.97 15.42
C HIS A 456 23.32 15.60 14.99
N LEU A 457 23.78 14.53 15.65
CA LEU A 457 23.25 13.16 15.38
C LEU A 457 21.75 13.06 15.59
N GLU A 458 21.31 13.53 16.75
CA GLU A 458 19.91 13.47 17.09
C GLU A 458 19.05 14.38 16.19
N TRP A 459 19.60 15.51 15.79
CA TRP A 459 18.99 16.38 14.77
C TRP A 459 18.78 15.64 13.41
N ALA A 460 19.83 14.95 12.94
CA ALA A 460 19.77 14.14 11.73
C ALA A 460 18.76 13.01 11.85
N ARG A 461 18.71 12.35 13.02
CA ARG A 461 17.75 11.29 13.28
C ARG A 461 16.34 11.79 12.95
N ARG A 462 16.03 12.99 13.41
CA ARG A 462 14.75 13.60 13.13
C ARG A 462 14.58 14.22 11.76
N GLU A 463 15.65 14.72 11.15
CA GLU A 463 15.49 15.60 9.97
C GLU A 463 16.29 15.26 8.69
N PHE A 464 17.21 14.31 8.77
CA PHE A 464 17.91 13.81 7.57
C PHE A 464 16.95 12.81 6.89
N HIS A 465 16.23 13.27 5.85
CA HIS A 465 15.00 12.57 5.39
C HIS A 465 15.29 11.43 4.44
N VAL A 466 15.83 10.35 4.99
CA VAL A 466 16.16 9.14 4.23
C VAL A 466 15.57 7.92 4.95
N GLY A 467 15.22 6.86 4.22
CA GLY A 467 14.65 5.70 4.89
C GLY A 467 15.65 4.94 5.75
N ASN A 468 16.94 5.03 5.40
CA ASN A 468 17.97 4.26 6.04
C ASN A 468 19.14 5.13 6.36
N LEU A 469 19.29 5.46 7.64
CA LEU A 469 20.27 6.44 8.12
C LEU A 469 21.29 5.77 9.03
N TYR A 470 22.56 6.18 8.95
CA TYR A 470 23.63 5.45 9.67
C TYR A 470 24.56 6.47 10.31
N PHE A 471 24.91 6.30 11.59
CA PHE A 471 25.82 7.23 12.22
C PHE A 471 27.17 6.63 12.51
N ASN A 472 28.22 7.29 12.03
CA ASN A 472 29.60 6.87 12.34
C ASN A 472 29.94 5.47 11.85
N ARG A 473 29.43 5.16 10.66
CA ARG A 473 29.63 3.86 10.01
C ARG A 473 29.18 3.99 8.55
N LYS A 474 29.56 3.02 7.73
CA LYS A 474 29.19 3.01 6.33
C LYS A 474 27.67 2.98 6.16
N ILE A 475 27.21 3.38 4.98
CA ILE A 475 25.78 3.57 4.75
C ILE A 475 25.24 2.53 3.80
N THR A 476 26.14 1.64 3.35
CA THR A 476 25.77 0.46 2.52
C THR A 476 25.67 -0.79 3.39
N GLY A 477 25.11 -1.87 2.83
CA GLY A 477 25.17 -3.15 3.52
C GLY A 477 24.14 -3.37 4.63
N ALA A 478 22.96 -2.77 4.51
CA ALA A 478 21.84 -2.95 5.42
C ALA A 478 21.59 -4.45 5.62
N LEU A 479 21.48 -4.89 6.88
CA LEU A 479 21.30 -6.31 7.17
C LEU A 479 19.82 -6.63 7.35
N VAL A 480 19.40 -7.73 6.76
CA VAL A 480 18.03 -8.24 6.96
C VAL A 480 17.68 -8.36 8.47
N GLY A 481 16.50 -7.85 8.84
CA GLY A 481 16.05 -7.91 10.22
C GLY A 481 16.52 -6.76 11.08
N VAL A 482 17.80 -6.39 10.94
CA VAL A 482 18.45 -5.32 11.71
C VAL A 482 18.03 -3.92 11.21
N GLN A 483 18.15 -3.71 9.91
CA GLN A 483 17.89 -2.41 9.33
C GLN A 483 16.85 -2.55 8.21
N PRO A 484 15.53 -2.51 8.56
CA PRO A 484 14.48 -2.51 7.53
C PRO A 484 14.85 -1.57 6.38
N PHE A 485 14.82 -2.08 5.14
CA PHE A 485 15.44 -1.33 4.02
C PHE A 485 14.47 -0.78 2.96
N GLY A 486 14.52 0.53 2.77
CA GLY A 486 13.63 1.16 1.81
C GLY A 486 13.56 2.63 2.09
N GLY A 487 13.32 3.39 1.03
CA GLY A 487 13.45 4.84 1.13
C GLY A 487 12.19 5.65 1.03
N PHE A 488 12.41 6.95 0.95
CA PHE A 488 11.35 7.93 0.85
C PHE A 488 11.42 8.61 -0.51
N LYS A 489 10.41 9.45 -0.80
CA LYS A 489 10.44 10.27 -2.01
C LYS A 489 10.57 9.37 -3.28
N LEU A 490 11.40 9.75 -4.26
CA LEU A 490 11.56 9.02 -5.53
C LEU A 490 12.58 7.88 -5.45
N SER A 491 12.96 7.57 -4.21
CA SER A 491 13.64 6.30 -3.91
C SER A 491 12.65 5.16 -3.71
N GLY A 492 11.35 5.44 -3.81
CA GLY A 492 10.38 4.37 -4.03
C GLY A 492 9.15 4.43 -3.16
N THR A 493 8.55 3.26 -2.97
CA THR A 493 7.31 3.14 -2.20
C THR A 493 7.48 2.78 -0.70
N ASN A 494 8.73 2.69 -0.22
CA ASN A 494 9.04 2.45 1.19
C ASN A 494 8.57 1.06 1.64
N ALA A 495 8.50 0.11 0.70
CA ALA A 495 8.31 -1.31 1.04
C ALA A 495 9.59 -1.74 1.76
N LYS A 496 9.51 -1.95 3.08
CA LYS A 496 10.70 -2.17 3.89
C LYS A 496 11.10 -3.64 3.89
N THR A 497 12.15 -3.96 3.14
CA THR A 497 12.64 -5.33 3.05
C THR A 497 13.33 -5.75 4.34
N GLY A 498 13.31 -7.06 4.59
CA GLY A 498 13.82 -7.63 5.83
C GLY A 498 13.17 -7.04 7.06
N ALA A 499 11.84 -6.82 7.01
CA ALA A 499 11.11 -6.36 8.19
C ALA A 499 9.76 -7.07 8.18
N LEU A 500 9.13 -7.21 9.35
CA LEU A 500 7.81 -7.82 9.45
C LEU A 500 6.79 -7.16 8.50
N ASP A 501 6.86 -5.83 8.35
CA ASP A 501 5.91 -5.08 7.50
C ASP A 501 5.90 -5.53 6.05
N TYR A 502 7.02 -6.04 5.55
CA TYR A 502 7.13 -6.37 4.13
C TYR A 502 6.04 -7.34 3.68
N LEU A 503 5.73 -8.34 4.52
CA LEU A 503 4.88 -9.43 4.05
C LEU A 503 3.42 -9.01 3.98
N ARG A 504 3.08 -7.99 4.74
CA ARG A 504 1.71 -7.45 4.79
C ARG A 504 1.32 -6.83 3.44
N LEU A 505 2.31 -6.29 2.75
CA LEU A 505 2.17 -5.80 1.39
C LEU A 505 1.62 -6.84 0.40
N PHE A 506 1.79 -8.14 0.68
CA PHE A 506 1.32 -9.21 -0.25
C PHE A 506 0.15 -10.00 0.29
N LEU A 507 -0.58 -9.35 1.21
CA LEU A 507 -1.75 -9.98 1.82
C LEU A 507 -2.90 -9.01 1.76
N GLU A 508 -4.11 -9.54 1.80
CA GLU A 508 -5.32 -8.73 1.96
C GLU A 508 -6.13 -9.38 3.10
N MET A 509 -7.08 -8.65 3.66
CA MET A 509 -7.75 -9.09 4.88
C MET A 509 -9.21 -9.39 4.62
N LYS A 510 -9.71 -10.48 5.23
CA LYS A 510 -11.13 -10.86 5.24
C LYS A 510 -11.65 -10.83 6.69
N ALA A 511 -12.89 -10.36 6.89
CA ALA A 511 -13.53 -10.27 8.23
C ALA A 511 -14.77 -11.11 8.15
N VAL A 512 -14.87 -12.16 8.95
CA VAL A 512 -16.03 -13.06 8.86
C VAL A 512 -16.73 -13.15 10.22
N ALA A 513 -17.99 -12.70 10.24
CA ALA A 513 -18.85 -12.73 11.42
C ALA A 513 -19.89 -13.86 11.39
N GLU A 514 -19.97 -14.65 12.45
CA GLU A 514 -21.13 -15.54 12.59
C GLU A 514 -21.96 -15.12 13.80
N ARG A 515 -23.24 -14.87 13.57
CA ARG A 515 -24.17 -14.61 14.67
C ARG A 515 -24.81 -15.95 15.06
N PHE A 516 -24.66 -16.35 16.32
CA PHE A 516 -25.06 -17.71 16.70
C PHE A 516 -26.54 -17.83 17.01
N MET B 1 -0.76 7.84 27.94
CA MET B 1 -2.24 8.03 28.00
C MET B 1 -3.01 6.72 28.36
N THR B 2 -3.84 6.78 29.43
CA THR B 2 -4.66 5.59 29.82
C THR B 2 -6.17 5.86 29.88
N VAL B 3 -6.91 5.21 28.98
CA VAL B 3 -8.36 5.38 28.85
C VAL B 3 -9.01 4.01 29.02
N GLU B 4 -10.35 4.00 29.11
CA GLU B 4 -11.11 2.75 29.13
C GLU B 4 -10.86 1.98 27.85
N PRO B 5 -10.90 0.64 27.93
CA PRO B 5 -10.88 -0.20 26.73
C PRO B 5 -11.96 0.30 25.76
N PHE B 6 -11.64 0.33 24.47
CA PHE B 6 -12.61 0.68 23.43
C PHE B 6 -13.90 -0.15 23.56
N ARG B 7 -15.03 0.55 23.55
CA ARG B 7 -16.36 -0.06 23.31
C ARG B 7 -17.06 0.76 22.24
N ASN B 8 -17.89 0.11 21.43
CA ASN B 8 -18.67 0.80 20.41
C ASN B 8 -19.76 1.68 21.04
N GLU B 9 -19.95 2.86 20.48
CA GLU B 9 -21.00 3.75 20.90
C GLU B 9 -22.37 3.06 20.63
N PRO B 10 -23.22 2.99 21.67
CA PRO B 10 -24.54 2.38 21.55
C PRO B 10 -25.37 3.08 20.46
N ILE B 11 -26.02 2.29 19.61
CA ILE B 11 -26.91 2.84 18.57
C ILE B 11 -28.33 3.02 19.16
N GLU B 12 -28.79 4.27 19.14
CA GLU B 12 -30.05 4.65 19.77
C GLU B 12 -31.19 4.08 18.95
N THR B 13 -32.07 3.32 19.64
CA THR B 13 -33.29 2.69 19.08
C THR B 13 -34.51 3.62 19.17
N PHE B 14 -34.47 4.60 20.08
CA PHE B 14 -35.58 5.55 20.29
C PHE B 14 -36.86 4.85 20.79
N GLN B 15 -36.66 3.76 21.53
CA GLN B 15 -37.74 3.04 22.21
C GLN B 15 -38.22 3.76 23.48
N THR B 16 -37.50 4.75 23.96
CA THR B 16 -37.91 5.44 25.17
C THR B 16 -38.48 6.82 24.86
N GLU B 17 -39.33 7.33 25.76
CA GLU B 17 -39.95 8.62 25.51
C GLU B 17 -38.89 9.69 25.52
N GLU B 18 -37.94 9.55 26.44
CA GLU B 18 -36.86 10.50 26.52
C GLU B 18 -36.07 10.61 25.20
N ALA B 19 -35.81 9.48 24.54
CA ALA B 19 -35.03 9.48 23.30
C ALA B 19 -35.85 10.12 22.20
N ARG B 20 -37.15 9.79 22.14
CA ARG B 20 -38.03 10.38 21.12
C ARG B 20 -38.16 11.89 21.29
N ARG B 21 -38.37 12.34 22.53
CA ARG B 21 -38.40 13.76 22.88
C ARG B 21 -37.10 14.47 22.48
N ALA B 22 -35.96 13.89 22.84
CA ALA B 22 -34.65 14.44 22.49
C ALA B 22 -34.46 14.58 20.97
N MET B 23 -34.97 13.63 20.19
CA MET B 23 -34.83 13.67 18.76
C MET B 23 -35.76 14.76 18.18
N ARG B 24 -36.97 14.87 18.74
CA ARG B 24 -37.91 15.90 18.26
C ARG B 24 -37.33 17.29 18.45
N GLU B 25 -36.74 17.50 19.62
CA GLU B 25 -36.07 18.74 19.94
C GLU B 25 -34.90 19.06 18.99
N ALA B 26 -34.10 18.03 18.64
CA ALA B 26 -32.98 18.18 17.67
C ALA B 26 -33.49 18.49 16.26
N LEU B 27 -34.53 17.77 15.84
CA LEU B 27 -35.12 18.02 14.51
C LEU B 27 -35.55 19.48 14.40
N ARG B 28 -36.21 19.95 15.45
CA ARG B 28 -36.67 21.33 15.54
C ARG B 28 -35.55 22.35 15.50
N ARG B 29 -34.51 22.14 16.31
CA ARG B 29 -33.31 23.00 16.31
C ARG B 29 -32.65 23.03 14.92
N VAL B 30 -32.44 21.84 14.36
CA VAL B 30 -31.86 21.73 13.01
C VAL B 30 -32.67 22.49 11.94
N ARG B 31 -34.00 22.35 11.95
CA ARG B 31 -34.78 22.99 10.87
C ARG B 31 -34.90 24.50 11.06
N GLU B 32 -34.92 24.94 12.31
CA GLU B 32 -34.80 26.37 12.62
C GLU B 32 -33.51 27.01 12.09
N GLU B 33 -32.49 26.20 11.86
CA GLU B 33 -31.23 26.68 11.26
C GLU B 33 -31.14 26.42 9.75
N PHE B 34 -32.20 25.93 9.11
CA PHE B 34 -32.11 25.69 7.65
C PHE B 34 -31.55 26.88 6.86
N GLY B 35 -31.74 28.10 7.35
CA GLY B 35 -31.15 29.25 6.61
C GLY B 35 -29.62 29.46 6.68
N ARG B 36 -28.90 28.71 7.53
CA ARG B 36 -27.44 28.94 7.72
C ARG B 36 -26.57 28.78 6.46
N HIS B 37 -25.53 29.61 6.39
CA HIS B 37 -24.46 29.48 5.43
C HIS B 37 -23.17 29.10 6.18
N TYR B 38 -22.50 28.08 5.66
CA TYR B 38 -21.27 27.55 6.27
C TYR B 38 -20.11 27.80 5.31
N PRO B 39 -19.14 28.60 5.74
CA PRO B 39 -17.99 28.87 4.91
C PRO B 39 -17.06 27.63 4.81
N LEU B 40 -15.95 27.79 4.07
CA LEU B 40 -14.85 26.82 4.05
C LEU B 40 -14.12 26.94 5.40
N TYR B 41 -13.35 25.93 5.74
CA TYR B 41 -12.48 26.01 6.91
C TYR B 41 -11.04 25.77 6.44
N ILE B 42 -10.18 26.81 6.57
CA ILE B 42 -8.78 26.80 6.09
C ILE B 42 -7.86 27.47 7.11
N GLY B 43 -6.80 26.74 7.48
CA GLY B 43 -5.81 27.30 8.41
C GLY B 43 -6.49 27.85 9.66
N GLY B 44 -7.44 27.10 10.20
CA GLY B 44 -7.96 27.41 11.52
C GLY B 44 -9.06 28.45 11.49
N GLU B 45 -9.48 28.85 10.29
CA GLU B 45 -10.51 29.88 10.23
C GLU B 45 -11.56 29.60 9.19
N TRP B 46 -12.76 30.09 9.48
CA TRP B 46 -13.86 30.00 8.54
C TRP B 46 -13.63 31.08 7.48
N VAL B 47 -13.63 30.67 6.21
CA VAL B 47 -13.27 31.52 5.10
C VAL B 47 -14.36 31.33 4.06
N ASP B 48 -15.00 32.42 3.66
CA ASP B 48 -16.15 32.36 2.79
C ASP B 48 -15.70 32.64 1.33
N THR B 49 -16.56 32.29 0.38
CA THR B 49 -16.33 32.56 -1.03
C THR B 49 -17.56 33.29 -1.62
N LYS B 50 -17.39 33.83 -2.82
CA LYS B 50 -18.48 34.46 -3.58
C LYS B 50 -19.54 33.43 -4.06
N GLU B 51 -19.08 32.37 -4.72
CA GLU B 51 -19.98 31.27 -5.11
C GLU B 51 -20.37 30.37 -3.93
N ARG B 52 -21.45 29.61 -4.10
CA ARG B 52 -21.96 28.81 -3.00
C ARG B 52 -22.48 27.45 -3.47
N MET B 53 -22.59 26.53 -2.52
CA MET B 53 -23.19 25.21 -2.76
C MET B 53 -24.53 25.22 -2.02
N VAL B 54 -25.56 24.68 -2.66
CA VAL B 54 -26.91 24.60 -2.07
C VAL B 54 -27.23 23.14 -1.69
N SER B 55 -27.75 22.95 -0.48
CA SER B 55 -28.15 21.62 -0.01
C SER B 55 -29.65 21.50 0.26
N LEU B 56 -30.28 20.52 -0.38
CA LEU B 56 -31.73 20.31 -0.32
C LEU B 56 -32.15 19.16 0.59
N ASN B 57 -33.39 19.21 1.07
CA ASN B 57 -34.06 18.13 1.78
C ASN B 57 -34.58 17.16 0.74
N PRO B 58 -33.97 15.98 0.61
CA PRO B 58 -34.45 15.07 -0.43
C PRO B 58 -35.87 14.56 -0.16
N SER B 59 -36.39 14.77 1.05
CA SER B 59 -37.79 14.41 1.33
C SER B 59 -38.74 15.54 0.94
N ALA B 60 -38.18 16.72 0.68
CA ALA B 60 -38.95 17.93 0.29
C ALA B 60 -37.97 18.88 -0.42
N PRO B 61 -37.58 18.55 -1.66
CA PRO B 61 -36.45 19.25 -2.28
C PRO B 61 -36.70 20.71 -2.64
N SER B 62 -37.92 21.22 -2.46
CA SER B 62 -38.05 22.68 -2.49
C SER B 62 -37.53 23.32 -1.19
N GLU B 63 -37.22 22.50 -0.17
CA GLU B 63 -36.70 23.03 1.08
C GLU B 63 -35.14 22.99 1.13
N VAL B 64 -34.54 24.17 1.30
CA VAL B 64 -33.10 24.29 1.43
C VAL B 64 -32.68 24.02 2.88
N VAL B 65 -31.74 23.12 3.09
CA VAL B 65 -31.32 22.82 4.45
C VAL B 65 -30.10 23.61 4.86
N GLY B 66 -29.46 24.25 3.86
CA GLY B 66 -28.37 25.17 4.14
C GLY B 66 -27.55 25.41 2.89
N THR B 67 -26.57 26.30 3.01
CA THR B 67 -25.66 26.59 1.89
C THR B 67 -24.25 26.66 2.47
N THR B 68 -23.28 26.35 1.64
CA THR B 68 -21.88 26.43 2.02
C THR B 68 -21.12 27.26 0.99
N ALA B 69 -19.91 27.68 1.36
CA ALA B 69 -18.97 28.21 0.38
C ALA B 69 -18.59 27.09 -0.59
N LYS B 70 -17.87 27.47 -1.64
CA LYS B 70 -17.56 26.57 -2.76
C LYS B 70 -16.11 26.78 -3.09
N ALA B 71 -15.31 25.73 -2.90
CA ALA B 71 -13.87 25.85 -3.07
C ALA B 71 -13.56 25.66 -4.55
N GLY B 72 -12.72 26.51 -5.11
CA GLY B 72 -12.20 26.32 -6.48
C GLY B 72 -10.70 26.11 -6.36
N LYS B 73 -9.95 26.38 -7.42
CA LYS B 73 -8.50 26.13 -7.42
C LYS B 73 -7.72 26.95 -6.43
N ALA B 74 -8.07 28.22 -6.29
CA ALA B 74 -7.35 29.13 -5.39
C ALA B 74 -7.51 28.74 -3.93
N GLU B 75 -8.67 28.23 -3.58
CA GLU B 75 -8.97 27.84 -2.22
C GLU B 75 -8.26 26.53 -1.98
N ALA B 76 -8.25 25.63 -2.98
CA ALA B 76 -7.47 24.40 -2.92
C ALA B 76 -5.97 24.66 -2.68
N GLU B 77 -5.40 25.63 -3.41
CA GLU B 77 -4.03 26.11 -3.13
C GLU B 77 -3.82 26.67 -1.71
N ALA B 78 -4.76 27.50 -1.23
CA ALA B 78 -4.66 28.03 0.12
C ALA B 78 -4.69 26.91 1.18
N ALA B 79 -5.56 25.91 0.94
CA ALA B 79 -5.68 24.76 1.86
C ALA B 79 -4.37 23.99 1.86
N LEU B 80 -3.77 23.81 0.69
CA LEU B 80 -2.43 23.19 0.57
C LEU B 80 -1.32 23.86 1.35
N GLU B 81 -1.22 25.18 1.21
CA GLU B 81 -0.18 25.91 1.89
C GLU B 81 -0.40 25.74 3.39
N ALA B 82 -1.65 25.88 3.84
CA ALA B 82 -1.95 25.77 5.26
C ALA B 82 -1.67 24.35 5.81
N ALA B 83 -2.02 23.34 5.03
CA ALA B 83 -1.83 21.94 5.44
C ALA B 83 -0.37 21.53 5.55
N TRP B 84 0.45 21.98 4.59
CA TRP B 84 1.89 21.69 4.61
C TRP B 84 2.60 22.46 5.70
N LYS B 85 2.25 23.75 5.86
CA LYS B 85 2.79 24.55 6.96
C LYS B 85 2.43 23.92 8.32
N ALA B 86 1.18 23.43 8.47
CA ALA B 86 0.80 22.74 9.73
C ALA B 86 1.56 21.41 9.92
N PHE B 87 1.65 20.61 8.85
CA PHE B 87 2.37 19.33 8.93
C PHE B 87 3.75 19.45 9.63
N LYS B 88 4.50 20.50 9.32
CA LYS B 88 5.87 20.68 9.88
C LYS B 88 5.95 20.57 11.39
N THR B 89 4.91 20.99 12.09
CA THR B 89 4.95 20.90 13.56
C THR B 89 4.00 19.85 14.11
N TRP B 90 2.88 19.63 13.41
CA TRP B 90 1.89 18.60 13.82
C TRP B 90 2.53 17.21 13.83
N LYS B 91 3.45 16.97 12.89
CA LYS B 91 4.16 15.70 12.82
C LYS B 91 5.01 15.44 14.07
N ASP B 92 5.41 16.51 14.76
CA ASP B 92 6.29 16.39 15.90
C ASP B 92 5.53 16.34 17.22
N TRP B 93 4.21 16.50 17.18
CA TRP B 93 3.40 16.36 18.39
C TRP B 93 3.64 14.97 18.95
N PRO B 94 3.79 14.83 20.27
CA PRO B 94 3.82 13.46 20.79
C PRO B 94 2.53 12.77 20.41
N GLN B 95 2.56 11.46 20.23
CA GLN B 95 1.37 10.74 19.86
C GLN B 95 0.25 10.87 20.90
N GLU B 96 0.60 10.80 22.17
CA GLU B 96 -0.35 10.94 23.28
C GLU B 96 -1.12 12.28 23.17
N ASP B 97 -0.42 13.35 22.76
CA ASP B 97 -1.07 14.66 22.60
C ASP B 97 -2.05 14.67 21.42
N ARG B 98 -1.66 14.02 20.33
CA ARG B 98 -2.56 13.94 19.15
C ARG B 98 -3.76 13.02 19.53
N SER B 99 -3.49 11.92 20.19
CA SER B 99 -4.57 11.00 20.55
C SER B 99 -5.57 11.70 21.49
N ARG B 100 -5.08 12.59 22.36
CA ARG B 100 -5.95 13.32 23.28
C ARG B 100 -6.82 14.33 22.55
N LEU B 101 -6.26 14.96 21.50
CA LEU B 101 -7.05 15.84 20.67
C LEU B 101 -8.25 15.08 20.07
N LEU B 102 -8.02 13.83 19.62
CA LEU B 102 -9.08 13.05 18.99
C LEU B 102 -10.12 12.68 20.03
N LEU B 103 -9.66 12.22 21.18
CA LEU B 103 -10.56 11.90 22.31
C LEU B 103 -11.47 13.13 22.70
N LYS B 104 -10.93 14.34 22.69
CA LYS B 104 -11.74 15.58 22.86
C LYS B 104 -12.84 15.72 21.75
N ALA B 105 -12.44 15.61 20.47
CA ALA B 105 -13.35 15.71 19.33
C ALA B 105 -14.47 14.65 19.43
N ALA B 106 -14.12 13.42 19.82
CA ALA B 106 -15.11 12.37 20.08
C ALA B 106 -16.14 12.76 21.15
N ALA B 107 -15.66 13.36 22.24
CA ALA B 107 -16.56 13.74 23.34
C ALA B 107 -17.47 14.89 22.94
N LEU B 108 -16.93 15.81 22.13
CA LEU B 108 -17.71 16.94 21.63
C LEU B 108 -18.77 16.45 20.65
N MET B 109 -18.37 15.50 19.79
CA MET B 109 -19.31 14.86 18.86
C MET B 109 -20.40 14.12 19.60
N ARG B 110 -20.01 13.35 20.63
CA ARG B 110 -20.98 12.57 21.39
C ARG B 110 -22.02 13.49 22.05
N ARG B 111 -21.60 14.69 22.46
CA ARG B 111 -22.55 15.65 23.04
C ARG B 111 -23.49 16.28 22.03
N ARG B 112 -23.14 16.22 20.73
CA ARG B 112 -23.95 16.85 19.69
C ARG B 112 -24.58 15.81 18.76
N LYS B 113 -24.73 14.59 19.25
CA LYS B 113 -25.18 13.53 18.38
C LYS B 113 -26.62 13.58 17.92
N ARG B 114 -27.55 14.06 18.75
CA ARG B 114 -28.92 14.22 18.25
C ARG B 114 -28.98 15.26 17.12
N GLU B 115 -28.26 16.38 17.31
CA GLU B 115 -28.21 17.44 16.29
C GLU B 115 -27.62 16.92 14.97
N LEU B 116 -26.58 16.10 15.08
CA LEU B 116 -25.95 15.48 13.90
C LEU B 116 -26.87 14.51 13.21
N GLU B 117 -27.51 13.63 13.98
CA GLU B 117 -28.51 12.70 13.44
C GLU B 117 -29.67 13.43 12.76
N ALA B 118 -30.19 14.48 13.41
CA ALA B 118 -31.25 15.30 12.80
C ALA B 118 -30.79 15.93 11.51
N THR B 119 -29.50 16.28 11.39
CA THR B 119 -28.97 16.83 10.14
C THR B 119 -28.91 15.77 9.04
N LEU B 120 -28.49 14.56 9.40
CA LEU B 120 -28.57 13.43 8.47
C LEU B 120 -30.00 13.14 7.98
N VAL B 121 -30.97 13.14 8.89
CA VAL B 121 -32.39 12.99 8.52
C VAL B 121 -32.81 13.97 7.40
N TYR B 122 -32.64 15.25 7.66
CA TYR B 122 -33.03 16.34 6.76
C TYR B 122 -32.14 16.46 5.51
N GLU B 123 -30.83 16.29 5.67
CA GLU B 123 -29.96 16.53 4.55
C GLU B 123 -29.83 15.36 3.58
N VAL B 124 -29.73 14.14 4.07
CA VAL B 124 -29.58 12.99 3.17
C VAL B 124 -30.69 11.94 3.30
N GLY B 125 -31.73 12.26 4.08
CA GLY B 125 -32.94 11.41 4.13
C GLY B 125 -32.75 10.06 4.79
N LYS B 126 -31.93 10.00 5.84
CA LYS B 126 -31.82 8.85 6.70
C LYS B 126 -32.97 8.81 7.72
N ASN B 127 -33.56 7.64 7.93
CA ASN B 127 -34.52 7.53 9.03
C ASN B 127 -33.74 7.65 10.37
N TRP B 128 -34.42 7.48 11.50
CA TRP B 128 -33.82 7.87 12.80
C TRP B 128 -32.70 6.94 13.17
N VAL B 129 -32.93 5.64 13.04
CA VAL B 129 -31.92 4.64 13.47
C VAL B 129 -30.72 4.61 12.53
N GLU B 130 -30.99 4.76 11.23
CA GLU B 130 -29.90 4.90 10.24
C GLU B 130 -29.00 6.09 10.54
N ALA B 131 -29.61 7.23 10.92
CA ALA B 131 -28.87 8.42 11.31
C ALA B 131 -28.03 8.17 12.58
N SER B 132 -28.66 7.51 13.54
CA SER B 132 -28.01 7.17 14.80
C SER B 132 -26.77 6.30 14.61
N ALA B 133 -26.89 5.30 13.75
CA ALA B 133 -25.81 4.36 13.50
C ALA B 133 -24.68 5.05 12.74
N ASP B 134 -25.01 5.97 11.83
CA ASP B 134 -24.05 6.81 11.13
C ASP B 134 -23.25 7.67 12.13
N VAL B 135 -23.92 8.43 12.99
CA VAL B 135 -23.18 9.23 13.99
C VAL B 135 -22.34 8.37 14.98
N ALA B 136 -22.89 7.25 15.44
CA ALA B 136 -22.21 6.35 16.36
C ALA B 136 -20.92 5.75 15.76
N GLU B 137 -20.97 5.41 14.46
CA GLU B 137 -19.82 4.91 13.70
C GLU B 137 -18.71 5.99 13.60
N ALA B 138 -19.11 7.24 13.43
CA ALA B 138 -18.19 8.37 13.40
C ALA B 138 -17.46 8.53 14.71
N ILE B 139 -18.23 8.47 15.81
CA ILE B 139 -17.66 8.52 17.14
C ILE B 139 -16.69 7.34 17.34
N ASP B 140 -17.12 6.15 16.89
CA ASP B 140 -16.29 4.95 17.05
C ASP B 140 -14.96 5.11 16.35
N PHE B 141 -15.00 5.63 15.12
CA PHE B 141 -13.76 5.87 14.35
C PHE B 141 -12.77 6.73 15.12
N ILE B 142 -13.27 7.80 15.75
CA ILE B 142 -12.40 8.72 16.51
C ILE B 142 -11.82 8.00 17.74
N GLU B 143 -12.67 7.34 18.51
CA GLU B 143 -12.25 6.58 19.68
C GLU B 143 -11.26 5.50 19.30
N TYR B 144 -11.55 4.78 18.22
CA TYR B 144 -10.75 3.61 17.87
C TYR B 144 -9.40 4.11 17.34
N TYR B 145 -9.39 5.05 16.39
CA TYR B 145 -8.12 5.57 15.86
C TYR B 145 -7.23 6.24 16.89
N ALA B 146 -7.81 6.92 17.88
CA ALA B 146 -7.05 7.54 19.00
C ALA B 146 -6.20 6.51 19.75
N ARG B 147 -6.82 5.36 20.04
CA ARG B 147 -6.17 4.27 20.71
C ARG B 147 -5.17 3.51 19.80
N ALA B 148 -5.61 3.14 18.58
CA ALA B 148 -4.76 2.42 17.62
C ALA B 148 -3.44 3.17 17.30
N ALA B 149 -3.51 4.49 17.26
CA ALA B 149 -2.35 5.33 16.93
C ALA B 149 -1.21 5.16 17.93
N LEU B 150 -1.56 4.90 19.20
CA LEU B 150 -0.54 4.72 20.21
C LEU B 150 0.27 3.43 19.98
N ARG B 151 -0.31 2.47 19.28
CA ARG B 151 0.39 1.21 18.95
C ARG B 151 1.53 1.43 17.96
N TYR B 152 1.58 2.63 17.35
CA TYR B 152 2.58 2.96 16.34
C TYR B 152 3.63 3.94 16.87
N ARG B 153 3.59 4.24 18.18
CA ARG B 153 4.38 5.38 18.71
C ARG B 153 5.90 5.06 18.81
N TYR B 154 6.71 6.11 18.78
CA TYR B 154 8.18 6.01 18.76
C TYR B 154 8.75 5.21 19.91
N PRO B 155 9.70 4.30 19.60
CA PRO B 155 9.98 3.65 18.30
C PRO B 155 9.31 2.27 18.25
N ALA B 156 8.31 2.05 17.36
CA ALA B 156 7.42 0.87 17.51
C ALA B 156 7.90 -0.39 16.82
N VAL B 157 8.91 -0.26 15.94
CA VAL B 157 9.29 -1.38 15.07
C VAL B 157 10.20 -2.39 15.75
N GLU B 158 9.84 -3.66 15.62
CA GLU B 158 10.59 -4.80 16.15
C GLU B 158 11.74 -5.18 15.19
N VAL B 159 12.98 -4.99 15.63
CA VAL B 159 14.15 -5.26 14.78
C VAL B 159 15.12 -6.22 15.49
N VAL B 160 15.95 -6.88 14.70
CA VAL B 160 17.03 -7.73 15.21
C VAL B 160 18.24 -6.87 15.68
N PRO B 161 18.72 -7.08 16.91
CA PRO B 161 19.92 -6.36 17.38
C PRO B 161 21.18 -6.74 16.64
N TYR B 162 22.18 -5.86 16.70
CA TYR B 162 23.48 -6.10 16.10
C TYR B 162 24.56 -5.61 17.09
N PRO B 163 25.68 -6.34 17.26
CA PRO B 163 26.72 -5.90 18.21
C PRO B 163 27.30 -4.51 17.93
N GLY B 164 27.49 -3.74 19.01
CA GLY B 164 28.17 -2.44 18.97
C GLY B 164 27.31 -1.32 18.40
N GLU B 165 26.01 -1.59 18.24
CA GLU B 165 25.08 -0.70 17.55
C GLU B 165 23.72 -0.63 18.20
N ASP B 166 23.15 0.58 18.17
CA ASP B 166 21.73 0.80 18.38
C ASP B 166 21.09 0.84 17.00
N ASN B 167 20.09 -0.01 16.81
CA ASN B 167 19.28 -0.03 15.61
C ASN B 167 17.84 0.32 15.97
N GLU B 168 17.39 1.47 15.49
CA GLU B 168 16.10 2.03 15.87
C GLU B 168 15.26 2.29 14.64
N SER B 169 14.18 1.54 14.48
CA SER B 169 13.19 1.82 13.42
C SER B 169 11.88 2.33 14.00
N PHE B 170 11.28 3.27 13.31
CA PHE B 170 10.11 3.97 13.81
C PHE B 170 9.29 4.54 12.65
N TYR B 171 8.01 4.80 12.91
CA TYR B 171 7.11 5.38 11.92
C TYR B 171 7.04 6.89 11.94
N VAL B 172 6.93 7.49 10.75
CA VAL B 172 6.62 8.90 10.62
C VAL B 172 5.43 9.11 9.66
N PRO B 173 4.70 10.22 9.86
CA PRO B 173 3.57 10.48 8.96
C PRO B 173 4.06 10.88 7.57
N LEU B 174 3.18 10.77 6.58
CA LEU B 174 3.51 11.08 5.19
C LEU B 174 3.54 12.56 4.84
N GLY B 175 2.56 13.35 5.31
CA GLY B 175 2.48 14.79 4.90
C GLY B 175 1.03 15.28 4.81
N ALA B 176 0.76 16.16 3.82
CA ALA B 176 -0.60 16.66 3.56
C ALA B 176 -1.26 15.81 2.49
N GLY B 177 -2.50 15.37 2.70
CA GLY B 177 -3.20 14.74 1.62
C GLY B 177 -4.64 15.17 1.52
N VAL B 178 -5.37 14.56 0.58
CA VAL B 178 -6.80 14.90 0.37
C VAL B 178 -7.71 13.68 0.69
N VAL B 179 -8.81 13.99 1.39
CA VAL B 179 -9.88 13.07 1.70
C VAL B 179 -11.06 13.51 0.83
N ILE B 180 -11.58 12.57 0.05
CA ILE B 180 -12.74 12.80 -0.82
C ILE B 180 -13.80 11.77 -0.43
N ALA B 181 -14.96 12.26 0.04
CA ALA B 181 -15.91 11.46 0.82
C ALA B 181 -17.30 11.30 0.13
N PRO B 182 -18.05 10.21 0.44
CA PRO B 182 -19.37 10.04 -0.16
C PRO B 182 -20.51 10.71 0.65
N TRP B 183 -21.70 10.76 0.04
CA TRP B 183 -22.88 11.41 0.64
C TRP B 183 -23.62 10.40 1.52
N ASN B 184 -23.28 9.13 1.39
CA ASN B 184 -24.12 8.12 2.01
C ASN B 184 -23.83 7.80 3.49
N PHE B 185 -22.58 8.01 3.92
CA PHE B 185 -22.23 7.98 5.35
C PHE B 185 -21.43 9.24 5.60
N PRO B 186 -22.08 10.41 5.48
CA PRO B 186 -21.36 11.69 5.46
C PRO B 186 -20.95 12.24 6.81
N VAL B 187 -21.23 11.51 7.88
CA VAL B 187 -20.57 11.78 9.16
C VAL B 187 -19.51 10.68 9.41
N ALA B 188 -19.93 9.41 9.46
CA ALA B 188 -19.03 8.29 9.77
C ALA B 188 -17.83 8.17 8.86
N ILE B 189 -18.06 8.05 7.55
CA ILE B 189 -16.93 7.77 6.63
C ILE B 189 -16.10 9.03 6.42
N PHE B 190 -16.77 10.15 6.21
CA PHE B 190 -16.13 11.48 6.16
C PHE B 190 -15.22 11.62 7.40
N THR B 191 -15.75 11.29 8.58
CA THR B 191 -14.98 11.48 9.84
C THR B 191 -13.80 10.49 9.98
N GLY B 192 -14.04 9.20 9.72
CA GLY B 192 -12.95 8.22 9.83
C GLY B 192 -11.78 8.50 8.87
N MET B 193 -12.11 8.83 7.62
CA MET B 193 -11.09 9.07 6.58
C MET B 193 -10.19 10.24 6.88
N ILE B 194 -10.69 11.19 7.68
CA ILE B 194 -9.97 12.36 8.04
C ILE B 194 -9.14 12.04 9.32
N VAL B 195 -9.79 11.56 10.38
CA VAL B 195 -9.09 11.45 11.70
C VAL B 195 -8.05 10.32 11.80
N GLY B 196 -8.24 9.23 11.03
CA GLY B 196 -7.18 8.18 10.90
C GLY B 196 -5.82 8.74 10.44
N PRO B 197 -5.74 9.29 9.22
CA PRO B 197 -4.47 10.00 8.83
C PRO B 197 -4.00 11.08 9.80
N VAL B 198 -4.92 11.88 10.31
CA VAL B 198 -4.56 12.99 11.23
C VAL B 198 -3.99 12.50 12.55
N ALA B 199 -4.57 11.43 13.10
CA ALA B 199 -4.13 10.84 14.40
C ALA B 199 -2.63 10.57 14.48
N VAL B 200 -2.06 10.06 13.39
CA VAL B 200 -0.66 9.66 13.33
C VAL B 200 0.28 10.81 12.80
N GLY B 201 -0.27 12.02 12.61
CA GLY B 201 0.58 13.20 12.27
C GLY B 201 0.53 13.72 10.85
N ASN B 202 -0.36 13.18 10.02
CA ASN B 202 -0.63 13.73 8.69
C ASN B 202 -1.59 14.90 8.81
N THR B 203 -1.63 15.75 7.78
CA THR B 203 -2.67 16.79 7.71
C THR B 203 -3.58 16.57 6.51
N VAL B 204 -4.81 17.11 6.58
CA VAL B 204 -5.86 16.71 5.65
C VAL B 204 -6.63 17.90 5.12
N ILE B 205 -6.86 17.84 3.82
CA ILE B 205 -7.82 18.65 3.11
C ILE B 205 -9.00 17.74 2.79
N ALA B 206 -10.16 18.03 3.42
CA ALA B 206 -11.37 17.19 3.27
C ALA B 206 -12.38 17.79 2.27
N LYS B 207 -12.80 16.99 1.31
CA LYS B 207 -13.73 17.39 0.28
C LYS B 207 -14.98 16.56 0.46
N PRO B 208 -16.01 17.15 1.10
CA PRO B 208 -17.28 16.43 1.33
C PRO B 208 -18.06 16.27 0.02
N ALA B 209 -18.91 15.25 -0.05
CA ALA B 209 -19.82 15.06 -1.18
C ALA B 209 -20.79 16.26 -1.28
N GLU B 210 -21.07 16.69 -2.52
CA GLU B 210 -22.03 17.78 -2.79
C GLU B 210 -23.36 17.63 -2.05
N ASP B 211 -23.89 16.41 -1.96
CA ASP B 211 -25.20 16.22 -1.26
C ASP B 211 -25.20 16.28 0.26
N ALA B 212 -24.03 16.48 0.88
CA ALA B 212 -23.88 16.40 2.32
C ALA B 212 -22.89 17.45 2.86
N VAL B 213 -22.85 18.61 2.20
CA VAL B 213 -21.95 19.69 2.59
C VAL B 213 -22.27 20.31 4.00
N VAL B 214 -23.55 20.35 4.35
CA VAL B 214 -23.97 20.98 5.60
C VAL B 214 -23.52 20.15 6.81
N VAL B 215 -23.79 18.84 6.79
CA VAL B 215 -23.43 18.00 7.93
C VAL B 215 -21.89 17.92 8.04
N GLY B 216 -21.17 18.03 6.92
CA GLY B 216 -19.69 17.99 6.94
C GLY B 216 -19.12 19.23 7.61
N ALA B 217 -19.75 20.37 7.32
CA ALA B 217 -19.45 21.63 8.01
C ALA B 217 -19.63 21.51 9.52
N LYS B 218 -20.69 20.85 9.96
CA LYS B 218 -20.96 20.70 11.39
C LYS B 218 -19.90 19.79 12.04
N VAL B 219 -19.41 18.79 11.30
CA VAL B 219 -18.25 18.00 11.78
C VAL B 219 -17.05 18.94 12.01
N PHE B 220 -16.82 19.88 11.09
CA PHE B 220 -15.72 20.82 11.28
C PHE B 220 -15.88 21.81 12.41
N GLU B 221 -17.12 22.11 12.77
CA GLU B 221 -17.42 22.87 13.95
C GLU B 221 -16.89 22.12 15.17
N ILE B 222 -17.09 20.82 15.19
CA ILE B 222 -16.55 19.98 16.28
C ILE B 222 -15.02 20.01 16.23
N PHE B 223 -14.43 19.80 15.03
CA PHE B 223 -12.95 19.85 14.90
C PHE B 223 -12.40 21.19 15.40
N HIS B 224 -13.05 22.26 14.99
CA HIS B 224 -12.63 23.61 15.38
C HIS B 224 -12.70 23.83 16.89
N GLU B 225 -13.77 23.36 17.51
CA GLU B 225 -13.94 23.54 18.92
C GLU B 225 -12.98 22.63 19.69
N ALA B 226 -12.67 21.44 19.16
CA ALA B 226 -11.68 20.54 19.80
C ALA B 226 -10.28 21.16 19.85
N GLY B 227 -10.00 22.00 18.87
CA GLY B 227 -8.78 22.80 18.84
C GLY B 227 -7.64 22.24 18.04
N PHE B 228 -7.93 21.58 16.94
CA PHE B 228 -6.88 21.14 16.03
C PHE B 228 -6.09 22.37 15.61
N PRO B 229 -4.74 22.29 15.63
CA PRO B 229 -3.97 23.47 15.20
C PRO B 229 -4.34 23.94 13.78
N PRO B 230 -4.12 25.24 13.46
CA PRO B 230 -4.48 25.74 12.15
C PRO B 230 -3.76 24.96 11.06
N GLY B 231 -4.52 24.58 10.02
CA GLY B 231 -3.99 23.87 8.84
C GLY B 231 -4.02 22.36 8.88
N VAL B 232 -4.26 21.79 10.06
CA VAL B 232 -4.26 20.34 10.30
C VAL B 232 -5.44 19.60 9.66
N VAL B 233 -6.64 20.19 9.79
CA VAL B 233 -7.84 19.74 9.06
C VAL B 233 -8.44 20.95 8.36
N ASN B 234 -8.77 20.76 7.08
CA ASN B 234 -9.33 21.81 6.23
C ASN B 234 -10.56 21.30 5.52
N PHE B 235 -11.57 22.16 5.38
CA PHE B 235 -12.90 21.80 4.90
C PHE B 235 -13.14 22.53 3.58
N LEU B 236 -13.23 21.78 2.48
CA LEU B 236 -13.42 22.37 1.14
C LEU B 236 -14.57 21.76 0.38
N PRO B 237 -15.81 22.13 0.77
CA PRO B 237 -16.98 21.78 -0.04
C PRO B 237 -16.82 22.30 -1.47
N GLY B 238 -17.22 21.49 -2.44
CA GLY B 238 -17.03 21.87 -3.84
C GLY B 238 -17.31 20.73 -4.78
N VAL B 239 -17.16 21.01 -6.06
CA VAL B 239 -17.52 20.03 -7.10
C VAL B 239 -16.39 18.97 -7.23
N GLY B 240 -16.78 17.70 -7.16
CA GLY B 240 -15.82 16.61 -7.19
C GLY B 240 -14.86 16.64 -8.37
N GLU B 241 -15.42 16.75 -9.58
CA GLU B 241 -14.60 16.69 -10.78
C GLU B 241 -13.83 17.99 -10.98
N GLU B 242 -14.09 18.99 -10.14
CA GLU B 242 -13.29 20.25 -10.16
C GLU B 242 -12.22 20.29 -9.09
N VAL B 243 -12.57 20.77 -7.90
CA VAL B 243 -11.64 20.85 -6.79
C VAL B 243 -11.07 19.47 -6.38
N GLY B 244 -11.88 18.44 -6.39
CA GLY B 244 -11.38 17.13 -6.06
C GLY B 244 -10.34 16.61 -7.05
N ALA B 245 -10.66 16.68 -8.35
CA ALA B 245 -9.71 16.25 -9.40
C ALA B 245 -8.44 17.08 -9.33
N TYR B 246 -8.54 18.39 -9.08
CA TYR B 246 -7.38 19.30 -9.02
C TYR B 246 -6.40 18.84 -7.91
N LEU B 247 -6.94 18.38 -6.79
CA LEU B 247 -6.12 18.01 -5.64
C LEU B 247 -5.51 16.63 -5.87
N VAL B 248 -6.31 15.67 -6.30
CA VAL B 248 -5.82 14.33 -6.70
C VAL B 248 -4.61 14.41 -7.65
N GLU B 249 -4.61 15.41 -8.53
CA GLU B 249 -3.66 15.47 -9.64
C GLU B 249 -2.47 16.30 -9.29
N HIS B 250 -2.57 17.01 -8.15
CA HIS B 250 -1.60 18.00 -7.75
C HIS B 250 -0.27 17.36 -7.43
N PRO B 251 0.86 17.99 -7.87
CA PRO B 251 2.17 17.43 -7.51
C PRO B 251 2.46 17.47 -5.99
N ARG B 252 1.80 18.34 -5.22
CA ARG B 252 2.10 18.46 -3.77
C ARG B 252 1.08 17.77 -2.86
N ILE B 253 0.16 17.01 -3.44
CA ILE B 253 -0.70 16.16 -2.65
C ILE B 253 0.03 14.83 -2.39
N ARG B 254 0.20 14.47 -1.14
CA ARG B 254 1.05 13.30 -0.80
C ARG B 254 0.30 11.98 -0.84
N PHE B 255 -0.97 12.01 -0.42
CA PHE B 255 -1.83 10.83 -0.41
C PHE B 255 -3.27 11.23 -0.70
N ILE B 256 -4.07 10.26 -1.13
CA ILE B 256 -5.50 10.44 -1.38
C ILE B 256 -6.24 9.33 -0.65
N ASN B 257 -7.23 9.72 0.16
CA ASN B 257 -8.09 8.79 0.85
C ASN B 257 -9.48 8.98 0.27
N PHE B 258 -9.95 8.00 -0.49
CA PHE B 258 -11.20 8.14 -1.25
C PHE B 258 -12.17 7.02 -0.92
N THR B 259 -13.43 7.39 -0.70
CA THR B 259 -14.54 6.43 -0.69
C THR B 259 -15.66 6.96 -1.61
N GLY B 260 -16.15 6.14 -2.53
CA GLY B 260 -17.12 6.62 -3.50
C GLY B 260 -17.30 5.61 -4.59
N SER B 261 -17.72 6.06 -5.77
CA SER B 261 -18.07 5.14 -6.84
C SER B 261 -16.83 4.52 -7.50
N LEU B 262 -17.03 3.36 -8.11
CA LEU B 262 -15.95 2.69 -8.85
C LEU B 262 -15.47 3.54 -10.01
N GLU B 263 -16.42 4.11 -10.76
CA GLU B 263 -16.10 5.02 -11.87
C GLU B 263 -15.07 6.08 -11.47
N VAL B 264 -15.34 6.77 -10.37
CA VAL B 264 -14.44 7.82 -9.90
C VAL B 264 -13.14 7.24 -9.29
N GLY B 265 -13.28 6.12 -8.58
CA GLY B 265 -12.17 5.43 -7.92
C GLY B 265 -11.14 5.00 -8.95
N LEU B 266 -11.62 4.58 -10.11
CA LEU B 266 -10.73 4.14 -11.19
C LEU B 266 -9.91 5.29 -11.76
N LYS B 267 -10.55 6.46 -11.97
CA LYS B 267 -9.87 7.70 -12.36
C LYS B 267 -8.83 8.19 -11.35
N ILE B 268 -9.20 8.10 -10.08
CA ILE B 268 -8.34 8.58 -9.03
C ILE B 268 -7.11 7.67 -8.94
N TYR B 269 -7.30 6.37 -8.96
CA TYR B 269 -6.16 5.44 -8.82
C TYR B 269 -5.21 5.60 -9.99
N GLU B 270 -5.79 5.84 -11.17
CA GLU B 270 -4.99 6.07 -12.38
C GLU B 270 -4.18 7.36 -12.30
N ALA B 271 -4.81 8.48 -11.93
CA ALA B 271 -4.11 9.77 -11.79
C ALA B 271 -2.99 9.69 -10.71
N ALA B 272 -3.27 8.94 -9.65
CA ALA B 272 -2.32 8.75 -8.54
C ALA B 272 -1.03 8.00 -8.94
N GLY B 273 -1.14 7.17 -9.97
CA GLY B 273 -0.02 6.41 -10.52
C GLY B 273 0.96 7.26 -11.31
N ARG B 274 0.52 8.46 -11.71
CA ARG B 274 1.31 9.39 -12.53
C ARG B 274 2.16 10.38 -11.72
N LEU B 275 3.34 10.72 -12.25
CA LEU B 275 4.17 11.73 -11.64
C LEU B 275 3.80 13.09 -12.24
N ALA B 276 3.12 13.94 -11.44
CA ALA B 276 2.75 15.26 -11.93
C ALA B 276 4.04 16.08 -12.09
N PRO B 277 4.06 17.10 -12.99
CA PRO B 277 5.29 17.89 -13.14
C PRO B 277 5.74 18.47 -11.80
N GLY B 278 7.02 18.25 -11.44
CA GLY B 278 7.52 18.71 -10.15
C GLY B 278 7.28 17.83 -8.94
N GLN B 279 6.47 16.76 -9.09
CA GLN B 279 6.18 15.87 -7.96
C GLN B 279 7.43 15.12 -7.45
N THR B 280 7.60 14.96 -6.15
CA THR B 280 8.81 14.31 -5.64
C THR B 280 8.59 13.03 -4.84
N TRP B 281 7.49 12.33 -5.14
CA TRP B 281 7.14 11.08 -4.45
C TRP B 281 6.20 10.23 -5.29
N PHE B 282 6.03 9.00 -4.84
CA PHE B 282 5.02 8.09 -5.36
C PHE B 282 3.79 8.28 -4.49
N LYS B 283 2.73 8.80 -5.07
CA LYS B 283 1.48 9.07 -4.34
C LYS B 283 0.87 7.77 -3.87
N ARG B 284 0.40 7.76 -2.60
CA ARG B 284 -0.45 6.65 -2.13
C ARG B 284 -1.90 7.01 -2.34
N ALA B 285 -2.69 6.11 -2.92
CA ALA B 285 -4.13 6.32 -3.13
C ALA B 285 -4.92 5.13 -2.59
N TYR B 286 -5.83 5.43 -1.66
CA TYR B 286 -6.71 4.41 -1.06
C TYR B 286 -8.08 4.69 -1.58
N VAL B 287 -8.63 3.72 -2.31
CA VAL B 287 -9.92 3.95 -2.96
C VAL B 287 -10.83 2.81 -2.59
N GLU B 288 -11.86 3.11 -1.83
CA GLU B 288 -12.81 2.10 -1.43
C GLU B 288 -14.12 2.34 -2.19
N THR B 289 -14.51 1.35 -3.01
CA THR B 289 -15.47 1.60 -4.04
C THR B 289 -16.75 0.77 -3.78
N GLY B 290 -17.51 0.44 -4.82
CA GLY B 290 -18.84 -0.10 -4.54
C GLY B 290 -18.87 -1.59 -4.31
N GLY B 291 -20.07 -2.15 -4.20
CA GLY B 291 -20.20 -3.59 -4.24
C GLY B 291 -21.41 -3.97 -5.04
N LYS B 292 -21.52 -5.25 -5.38
CA LYS B 292 -22.79 -5.87 -5.82
C LYS B 292 -22.98 -7.05 -4.87
N ASP B 293 -23.47 -6.75 -3.67
CA ASP B 293 -23.38 -7.71 -2.57
C ASP B 293 -24.53 -8.70 -2.59
N ALA B 294 -24.20 -9.96 -2.33
CA ALA B 294 -25.16 -11.04 -2.30
C ALA B 294 -25.38 -11.67 -0.92
N ILE B 295 -26.62 -12.08 -0.70
CA ILE B 295 -26.91 -13.01 0.38
C ILE B 295 -27.34 -14.33 -0.25
N ILE B 296 -26.68 -15.42 0.19
CA ILE B 296 -27.05 -16.78 -0.16
C ILE B 296 -27.94 -17.37 0.95
N VAL B 297 -29.00 -18.08 0.57
CA VAL B 297 -29.80 -18.85 1.51
C VAL B 297 -29.97 -20.25 0.94
N ASP B 298 -29.68 -21.27 1.75
CA ASP B 298 -29.87 -22.66 1.34
C ASP B 298 -31.05 -23.28 2.11
N GLU B 299 -31.41 -24.50 1.74
CA GLU B 299 -32.63 -25.09 2.30
C GLU B 299 -32.54 -25.42 3.80
N THR B 300 -31.36 -25.24 4.42
CA THR B 300 -31.22 -25.56 5.86
C THR B 300 -31.46 -24.36 6.79
N ALA B 301 -31.62 -23.19 6.19
CA ALA B 301 -31.66 -21.93 6.92
C ALA B 301 -32.92 -21.75 7.76
N ASP B 302 -32.87 -20.84 8.73
CA ASP B 302 -34.08 -20.36 9.38
C ASP B 302 -34.67 -19.33 8.40
N PHE B 303 -35.76 -19.69 7.74
CA PHE B 303 -36.28 -18.86 6.62
C PHE B 303 -36.80 -17.51 7.08
N ASP B 304 -37.40 -17.45 8.26
CA ASP B 304 -37.87 -16.20 8.83
C ASP B 304 -36.72 -15.26 9.17
N LEU B 305 -35.71 -15.80 9.84
CA LEU B 305 -34.48 -15.06 10.09
C LEU B 305 -33.86 -14.55 8.79
N ALA B 306 -33.79 -15.41 7.77
CA ALA B 306 -33.17 -15.03 6.50
C ALA B 306 -33.91 -13.87 5.90
N ALA B 307 -35.24 -13.98 5.86
CA ALA B 307 -36.09 -12.96 5.23
C ALA B 307 -35.95 -11.60 5.91
N GLU B 308 -35.92 -11.59 7.25
CA GLU B 308 -35.76 -10.33 7.98
C GLU B 308 -34.38 -9.72 7.65
N GLY B 309 -33.35 -10.56 7.73
CA GLY B 309 -31.98 -10.13 7.42
C GLY B 309 -31.83 -9.59 6.00
N VAL B 310 -32.46 -10.26 5.05
CA VAL B 310 -32.41 -9.85 3.65
C VAL B 310 -33.02 -8.47 3.49
N VAL B 311 -34.19 -8.28 4.13
CA VAL B 311 -34.96 -7.04 4.02
C VAL B 311 -34.23 -5.90 4.67
N VAL B 312 -33.64 -6.13 5.84
CA VAL B 312 -32.76 -5.13 6.48
C VAL B 312 -31.59 -4.78 5.55
N SER B 313 -30.93 -5.79 4.99
CA SER B 313 -29.71 -5.54 4.21
C SER B 313 -30.01 -4.84 2.88
N ALA B 314 -31.13 -5.23 2.25
CA ALA B 314 -31.49 -4.72 0.92
C ALA B 314 -32.07 -3.29 0.95
N TYR B 315 -32.86 -3.00 1.99
CA TYR B 315 -33.67 -1.77 2.01
C TYR B 315 -33.30 -0.74 3.06
N GLY B 316 -32.40 -1.10 3.99
CA GLY B 316 -31.87 -0.11 4.97
C GLY B 316 -31.21 1.06 4.25
N PHE B 317 -31.48 2.30 4.69
CA PHE B 317 -31.12 3.52 3.95
C PHE B 317 -31.43 3.43 2.44
N GLN B 318 -32.61 2.87 2.13
CA GLN B 318 -33.09 2.77 0.76
C GLN B 318 -32.13 2.04 -0.15
N GLY B 319 -31.34 1.11 0.41
CA GLY B 319 -30.31 0.36 -0.36
C GLY B 319 -29.09 1.16 -0.84
N GLN B 320 -28.94 2.39 -0.35
CA GLN B 320 -27.84 3.28 -0.76
C GLN B 320 -26.61 3.07 0.12
N LYS B 321 -26.12 1.84 0.14
CA LYS B 321 -24.97 1.47 0.95
C LYS B 321 -24.11 0.61 0.05
N CSO B 322 -22.81 0.81 0.15
CA CSO B 322 -21.83 -0.03 -0.52
CB CSO B 322 -20.43 0.58 -0.27
SG CSO B 322 -20.11 0.64 1.53
C CSO B 322 -21.96 -1.47 0.00
O CSO B 322 -21.56 -2.41 -0.68
OD CSO B 322 -21.07 1.93 2.31
N SER B 323 -22.54 -1.62 1.18
CA SER B 323 -22.75 -2.92 1.84
C SER B 323 -24.12 -3.60 1.59
N ALA B 324 -25.02 -2.86 0.94
CA ALA B 324 -26.41 -3.33 0.68
C ALA B 324 -26.49 -4.65 -0.07
N ALA B 325 -27.39 -5.53 0.38
CA ALA B 325 -27.68 -6.76 -0.36
C ALA B 325 -28.50 -6.34 -1.58
N SER B 326 -27.91 -6.50 -2.77
CA SER B 326 -28.58 -6.17 -4.02
C SER B 326 -28.89 -7.44 -4.81
N ARG B 327 -28.36 -8.57 -4.31
CA ARG B 327 -28.61 -9.89 -4.91
C ARG B 327 -29.03 -10.84 -3.80
N LEU B 328 -30.05 -11.63 -4.10
CA LEU B 328 -30.48 -12.68 -3.19
C LEU B 328 -30.35 -13.97 -3.98
N ILE B 329 -29.41 -14.83 -3.60
CA ILE B 329 -29.15 -16.07 -4.32
C ILE B 329 -29.74 -17.24 -3.52
N LEU B 330 -30.73 -17.91 -4.10
CA LEU B 330 -31.46 -18.95 -3.38
C LEU B 330 -31.30 -20.30 -4.06
N THR B 331 -30.97 -21.30 -3.25
CA THR B 331 -30.90 -22.68 -3.76
C THR B 331 -32.34 -23.16 -4.03
N GLN B 332 -32.49 -24.17 -4.91
CA GLN B 332 -33.79 -24.78 -5.27
C GLN B 332 -34.75 -24.93 -4.07
N GLY B 333 -34.28 -25.54 -2.98
CA GLY B 333 -35.10 -25.81 -1.80
C GLY B 333 -35.43 -24.58 -0.98
N ALA B 334 -34.62 -23.53 -1.10
CA ALA B 334 -34.86 -22.30 -0.35
C ALA B 334 -35.70 -21.33 -1.18
N TYR B 335 -35.76 -21.52 -2.49
CA TYR B 335 -36.35 -20.49 -3.38
C TYR B 335 -37.77 -19.96 -3.00
N GLU B 336 -38.80 -20.82 -3.09
CA GLU B 336 -40.17 -20.35 -2.74
C GLU B 336 -40.33 -19.88 -1.29
N PRO B 337 -39.88 -20.70 -0.32
CA PRO B 337 -40.16 -20.29 1.05
C PRO B 337 -39.51 -18.95 1.40
N VAL B 338 -38.29 -18.71 0.94
CA VAL B 338 -37.63 -17.45 1.32
C VAL B 338 -38.21 -16.26 0.55
N LEU B 339 -38.39 -16.46 -0.75
CA LEU B 339 -38.96 -15.40 -1.60
C LEU B 339 -40.34 -14.96 -1.12
N GLU B 340 -41.22 -15.91 -0.81
CA GLU B 340 -42.56 -15.58 -0.32
C GLU B 340 -42.43 -14.74 0.95
N ARG B 341 -41.55 -15.16 1.87
CA ARG B 341 -41.32 -14.42 3.13
C ARG B 341 -40.71 -13.01 2.92
N VAL B 342 -39.76 -12.89 1.98
CA VAL B 342 -39.16 -11.59 1.63
C VAL B 342 -40.20 -10.60 1.03
N LEU B 343 -41.09 -11.11 0.19
CA LEU B 343 -42.11 -10.27 -0.43
C LEU B 343 -43.12 -9.82 0.62
N LYS B 344 -43.53 -10.73 1.50
CA LYS B 344 -44.46 -10.40 2.59
C LYS B 344 -43.87 -9.29 3.47
N ARG B 345 -42.62 -9.46 3.87
CA ARG B 345 -41.97 -8.46 4.70
C ARG B 345 -41.82 -7.11 3.99
N ALA B 346 -41.27 -7.14 2.79
CA ALA B 346 -40.96 -5.94 2.06
C ALA B 346 -42.22 -5.17 1.67
N GLU B 347 -43.35 -5.87 1.44
CA GLU B 347 -44.56 -5.16 0.99
C GLU B 347 -45.18 -4.34 2.13
N ARG B 348 -44.73 -4.63 3.35
CA ARG B 348 -45.15 -3.92 4.54
C ARG B 348 -44.25 -2.74 4.93
N LEU B 349 -43.18 -2.50 4.17
CA LEU B 349 -42.26 -1.38 4.46
C LEU B 349 -42.91 -0.04 4.15
N SER B 350 -42.80 0.91 5.06
CA SER B 350 -43.33 2.24 4.80
C SER B 350 -42.27 3.10 4.07
N VAL B 351 -42.72 4.10 3.30
CA VAL B 351 -41.83 5.00 2.58
C VAL B 351 -42.39 6.40 2.75
N GLY B 352 -41.56 7.39 3.05
CA GLY B 352 -42.03 8.76 3.14
C GLY B 352 -40.96 9.67 3.73
N PRO B 353 -41.35 10.89 4.11
CA PRO B 353 -40.36 11.83 4.64
C PRO B 353 -39.55 11.18 5.78
N ALA B 354 -38.24 11.36 5.77
CA ALA B 354 -37.30 10.67 6.67
C ALA B 354 -37.54 11.00 8.12
N GLU B 355 -37.90 12.26 8.40
CA GLU B 355 -38.16 12.72 9.76
C GLU B 355 -39.28 12.01 10.51
N GLU B 356 -40.19 11.34 9.79
CA GLU B 356 -41.24 10.53 10.42
C GLU B 356 -40.78 9.13 10.75
N ASN B 357 -39.49 8.88 10.52
CA ASN B 357 -38.86 7.59 10.79
C ASN B 357 -39.57 6.45 10.04
N PRO B 358 -39.73 6.61 8.71
CA PRO B 358 -40.30 5.49 7.95
C PRO B 358 -39.24 4.38 7.88
N ASP B 359 -39.66 3.20 7.44
CA ASP B 359 -38.71 2.16 7.02
C ASP B 359 -37.73 2.69 5.96
N LEU B 360 -38.24 3.37 4.93
CA LEU B 360 -37.40 4.01 3.92
C LEU B 360 -37.75 5.47 3.81
N GLY B 361 -36.74 6.32 3.73
CA GLY B 361 -36.93 7.72 3.29
C GLY B 361 -36.78 7.87 1.79
N PRO B 362 -36.43 9.08 1.32
CA PRO B 362 -36.20 9.27 -0.12
C PRO B 362 -34.78 8.82 -0.52
N VAL B 363 -34.57 8.53 -1.82
CA VAL B 363 -33.21 8.50 -2.38
C VAL B 363 -32.70 9.96 -2.34
N VAL B 364 -31.39 10.14 -2.45
CA VAL B 364 -30.79 11.35 -1.95
C VAL B 364 -30.97 12.59 -2.84
N SER B 365 -31.21 12.38 -4.13
CA SER B 365 -31.21 13.50 -5.08
C SER B 365 -32.01 13.13 -6.32
N ALA B 366 -32.34 14.14 -7.14
CA ALA B 366 -32.96 13.92 -8.46
C ALA B 366 -32.12 12.98 -9.34
N GLU B 367 -30.81 13.14 -9.27
CA GLU B 367 -29.88 12.33 -10.05
C GLU B 367 -29.94 10.87 -9.62
N GLN B 368 -29.95 10.63 -8.31
CA GLN B 368 -30.07 9.27 -7.79
C GLN B 368 -31.39 8.64 -8.25
N GLU B 369 -32.47 9.42 -8.14
CA GLU B 369 -33.78 8.93 -8.56
C GLU B 369 -33.78 8.48 -10.04
N ARG B 370 -33.26 9.35 -10.90
CA ARG B 370 -33.14 9.12 -12.34
C ARG B 370 -32.36 7.85 -12.62
N LYS B 371 -31.21 7.72 -11.96
CA LYS B 371 -30.37 6.51 -12.08
C LYS B 371 -31.12 5.22 -11.60
N VAL B 372 -31.76 5.25 -10.42
CA VAL B 372 -32.50 4.08 -9.91
C VAL B 372 -33.68 3.73 -10.81
N LEU B 373 -34.43 4.75 -11.21
CA LEU B 373 -35.53 4.51 -12.16
C LEU B 373 -35.05 3.91 -13.50
N SER B 374 -33.89 4.33 -14.01
CA SER B 374 -33.35 3.76 -15.26
C SER B 374 -32.95 2.31 -15.11
N TYR B 375 -32.42 1.96 -13.94
CA TYR B 375 -32.06 0.57 -13.70
C TYR B 375 -33.29 -0.29 -13.59
N ILE B 376 -34.37 0.27 -13.06
CA ILE B 376 -35.65 -0.44 -12.96
C ILE B 376 -36.19 -0.70 -14.38
N GLU B 377 -36.06 0.28 -15.28
CA GLU B 377 -36.42 0.09 -16.70
C GLU B 377 -35.57 -1.02 -17.36
N ILE B 378 -34.26 -0.99 -17.17
CA ILE B 378 -33.40 -2.08 -17.63
C ILE B 378 -33.86 -3.47 -17.07
N GLY B 379 -34.14 -3.53 -15.75
CA GLY B 379 -34.50 -4.78 -15.08
C GLY B 379 -35.80 -5.40 -15.58
N LYS B 380 -36.75 -4.55 -15.96
CA LYS B 380 -38.02 -5.01 -16.55
C LYS B 380 -37.78 -5.82 -17.79
N ASN B 381 -36.64 -5.58 -18.44
CA ASN B 381 -36.26 -6.34 -19.63
C ASN B 381 -35.48 -7.60 -19.27
N GLU B 382 -34.84 -7.61 -18.11
CA GLU B 382 -33.87 -8.63 -17.79
C GLU B 382 -34.48 -9.69 -16.88
N GLY B 383 -35.33 -9.27 -15.97
CA GLY B 383 -35.96 -10.18 -15.05
C GLY B 383 -37.43 -9.92 -14.92
N GLN B 384 -38.06 -10.55 -13.93
CA GLN B 384 -39.47 -10.38 -13.68
C GLN B 384 -39.73 -9.40 -12.50
N LEU B 385 -40.35 -8.25 -12.78
CA LEU B 385 -40.77 -7.36 -11.69
C LEU B 385 -41.89 -8.01 -10.84
N VAL B 386 -41.71 -8.11 -9.54
CA VAL B 386 -42.73 -8.73 -8.66
C VAL B 386 -43.13 -7.84 -7.48
N LEU B 387 -42.39 -6.75 -7.28
CA LEU B 387 -42.75 -5.82 -6.23
C LEU B 387 -42.14 -4.46 -6.50
N GLY B 388 -42.91 -3.40 -6.23
CA GLY B 388 -42.48 -2.01 -6.31
C GLY B 388 -42.14 -1.65 -7.75
N GLY B 389 -41.02 -0.96 -7.92
CA GLY B 389 -40.57 -0.54 -9.24
C GLY B 389 -41.14 0.78 -9.71
N LYS B 390 -41.56 1.63 -8.78
CA LYS B 390 -42.23 2.88 -9.12
C LYS B 390 -41.76 4.01 -8.21
N ARG B 391 -41.76 5.21 -8.77
CA ARG B 391 -41.70 6.46 -8.03
C ARG B 391 -42.97 6.55 -7.21
N LEU B 392 -42.88 7.03 -5.97
CA LEU B 392 -44.09 7.22 -5.15
C LEU B 392 -44.46 8.70 -5.16
N GLU B 393 -45.65 9.00 -4.64
CA GLU B 393 -46.20 10.34 -4.77
C GLU B 393 -45.55 11.33 -3.81
N GLY B 394 -45.26 12.51 -4.35
CA GLY B 394 -44.75 13.57 -3.55
C GLY B 394 -43.51 14.10 -4.20
N GLU B 395 -43.10 15.27 -3.74
CA GLU B 395 -41.97 15.98 -4.25
C GLU B 395 -40.67 15.23 -3.89
N GLY B 396 -40.60 14.72 -2.65
CA GLY B 396 -39.48 13.90 -2.19
C GLY B 396 -39.17 12.73 -3.12
N TYR B 397 -37.93 12.27 -3.15
CA TYR B 397 -37.55 11.26 -4.13
C TYR B 397 -37.86 9.85 -3.63
N PHE B 398 -39.14 9.59 -3.43
CA PHE B 398 -39.59 8.34 -2.84
C PHE B 398 -39.71 7.28 -3.94
N ILE B 399 -39.01 6.17 -3.73
CA ILE B 399 -39.07 5.04 -4.64
C ILE B 399 -39.43 3.83 -3.81
N ALA B 400 -40.35 3.02 -4.33
CA ALA B 400 -40.80 1.79 -3.64
C ALA B 400 -39.73 0.69 -3.51
N PRO B 401 -39.73 -0.05 -2.36
CA PRO B 401 -38.92 -1.28 -2.26
C PRO B 401 -39.19 -2.17 -3.46
N THR B 402 -38.14 -2.53 -4.19
CA THR B 402 -38.33 -3.21 -5.51
C THR B 402 -37.72 -4.63 -5.49
N VAL B 403 -38.43 -5.59 -6.07
CA VAL B 403 -37.89 -6.95 -6.23
C VAL B 403 -38.04 -7.40 -7.67
N PHE B 404 -36.91 -7.81 -8.28
CA PHE B 404 -36.89 -8.58 -9.55
C PHE B 404 -36.56 -10.05 -9.29
N THR B 405 -37.30 -10.97 -9.93
CA THR B 405 -36.97 -12.39 -9.90
C THR B 405 -36.56 -12.91 -11.28
N GLU B 406 -36.17 -14.18 -11.31
CA GLU B 406 -35.73 -14.88 -12.52
C GLU B 406 -34.68 -14.07 -13.24
N VAL B 407 -33.82 -13.40 -12.45
CA VAL B 407 -32.73 -12.57 -12.98
C VAL B 407 -31.56 -13.51 -13.34
N PRO B 408 -31.12 -13.49 -14.61
CA PRO B 408 -29.91 -14.17 -15.05
C PRO B 408 -28.71 -13.53 -14.35
N PRO B 409 -27.82 -14.36 -13.78
CA PRO B 409 -26.60 -13.94 -13.08
C PRO B 409 -25.77 -12.87 -13.79
N LYS B 410 -25.78 -12.88 -15.13
CA LYS B 410 -24.98 -11.93 -15.93
C LYS B 410 -25.77 -10.71 -16.40
N ALA B 411 -27.05 -10.60 -16.02
CA ALA B 411 -27.85 -9.41 -16.35
C ALA B 411 -27.21 -8.19 -15.72
N ARG B 412 -27.43 -7.03 -16.33
CA ARG B 412 -26.93 -5.74 -15.84
C ARG B 412 -27.36 -5.46 -14.39
N ILE B 413 -28.61 -5.78 -14.08
CA ILE B 413 -29.15 -5.61 -12.73
C ILE B 413 -28.58 -6.62 -11.74
N ALA B 414 -27.96 -7.71 -12.25
CA ALA B 414 -27.22 -8.68 -11.40
C ALA B 414 -25.72 -8.43 -11.28
N GLN B 415 -25.24 -7.35 -11.91
CA GLN B 415 -23.83 -7.05 -12.10
C GLN B 415 -23.43 -5.65 -11.66
N GLU B 416 -24.28 -4.66 -11.97
CA GLU B 416 -23.98 -3.23 -11.81
C GLU B 416 -24.64 -2.70 -10.55
N GLU B 417 -23.90 -1.86 -9.83
CA GLU B 417 -24.32 -1.25 -8.58
C GLU B 417 -25.40 -0.20 -8.81
N ILE B 418 -26.64 -0.53 -8.45
CA ILE B 418 -27.77 0.36 -8.66
C ILE B 418 -27.88 1.41 -7.55
N PHE B 419 -27.54 1.02 -6.33
CA PHE B 419 -27.47 1.97 -5.23
C PHE B 419 -28.86 2.55 -4.87
N GLY B 420 -29.88 1.70 -4.97
CA GLY B 420 -31.25 2.04 -4.57
C GLY B 420 -31.96 0.80 -4.08
N PRO B 421 -33.28 0.92 -3.79
CA PRO B 421 -33.96 -0.16 -3.09
C PRO B 421 -34.46 -1.24 -4.06
N VAL B 422 -33.49 -1.90 -4.72
CA VAL B 422 -33.77 -2.82 -5.82
C VAL B 422 -32.98 -4.10 -5.54
N LEU B 423 -33.71 -5.20 -5.33
CA LEU B 423 -33.17 -6.52 -5.01
C LEU B 423 -33.39 -7.46 -6.21
N SER B 424 -32.32 -8.15 -6.62
CA SER B 424 -32.34 -9.08 -7.76
C SER B 424 -32.23 -10.48 -7.20
N VAL B 425 -33.21 -11.33 -7.51
CA VAL B 425 -33.26 -12.67 -6.91
C VAL B 425 -32.81 -13.68 -7.95
N ILE B 426 -31.84 -14.49 -7.57
CA ILE B 426 -31.27 -15.47 -8.49
C ILE B 426 -31.52 -16.89 -7.99
N ARG B 427 -32.02 -17.76 -8.85
CA ARG B 427 -32.30 -19.12 -8.43
C ARG B 427 -31.16 -20.01 -8.86
N VAL B 428 -30.65 -20.82 -7.95
CA VAL B 428 -29.55 -21.71 -8.28
C VAL B 428 -29.88 -23.10 -7.77
N LYS B 429 -29.12 -24.08 -8.28
CA LYS B 429 -29.37 -25.49 -8.07
C LYS B 429 -28.98 -25.88 -6.67
N ASP B 430 -27.76 -25.47 -6.27
CA ASP B 430 -27.19 -25.90 -5.00
C ASP B 430 -26.17 -24.90 -4.43
N PHE B 431 -25.51 -25.29 -3.34
CA PHE B 431 -24.62 -24.37 -2.66
C PHE B 431 -23.38 -24.00 -3.48
N ALA B 432 -22.79 -25.00 -4.15
CA ALA B 432 -21.64 -24.77 -5.02
C ALA B 432 -21.98 -23.72 -6.10
N GLU B 433 -23.13 -23.87 -6.74
CA GLU B 433 -23.54 -22.91 -7.76
C GLU B 433 -23.87 -21.56 -7.13
N ALA B 434 -24.47 -21.58 -5.95
CA ALA B 434 -24.69 -20.32 -5.24
C ALA B 434 -23.36 -19.59 -5.02
N LEU B 435 -22.29 -20.30 -4.63
CA LEU B 435 -20.97 -19.65 -4.43
C LEU B 435 -20.41 -19.13 -5.74
N GLU B 436 -20.58 -19.91 -6.82
CA GLU B 436 -20.10 -19.50 -8.15
C GLU B 436 -20.75 -18.18 -8.55
N VAL B 437 -22.06 -18.11 -8.37
CA VAL B 437 -22.83 -16.93 -8.76
C VAL B 437 -22.48 -15.74 -7.88
N ALA B 438 -22.27 -15.96 -6.59
CA ALA B 438 -21.84 -14.88 -5.67
C ALA B 438 -20.49 -14.29 -6.07
N ASN B 439 -19.54 -15.14 -6.46
CA ASN B 439 -18.19 -14.67 -6.79
C ASN B 439 -18.09 -14.03 -8.17
N ASP B 440 -19.07 -14.30 -9.02
CA ASP B 440 -18.97 -13.89 -10.40
C ASP B 440 -19.52 -12.50 -10.64
N THR B 441 -18.85 -11.52 -10.03
CA THR B 441 -19.04 -10.09 -10.36
C THR B 441 -17.65 -9.41 -10.31
N PRO B 442 -17.52 -8.17 -10.81
CA PRO B 442 -16.18 -7.54 -10.70
C PRO B 442 -15.86 -7.12 -9.23
N TYR B 443 -16.82 -7.30 -8.34
CA TYR B 443 -16.79 -6.66 -7.02
C TYR B 443 -16.47 -7.70 -5.92
N GLY B 444 -16.28 -7.27 -4.67
CA GLY B 444 -15.99 -8.21 -3.60
C GLY B 444 -16.02 -7.60 -2.22
N LEU B 445 -17.11 -6.90 -1.88
CA LEU B 445 -17.16 -6.06 -0.66
C LEU B 445 -17.85 -6.77 0.50
N THR B 446 -19.18 -6.92 0.42
CA THR B 446 -19.89 -7.74 1.43
C THR B 446 -20.66 -8.92 0.85
N GLY B 447 -21.02 -9.85 1.72
CA GLY B 447 -21.70 -11.06 1.33
C GLY B 447 -22.25 -11.65 2.60
N GLY B 448 -23.26 -12.49 2.46
CA GLY B 448 -23.92 -13.11 3.60
C GLY B 448 -24.35 -14.51 3.23
N VAL B 449 -24.37 -15.39 4.22
CA VAL B 449 -24.98 -16.72 4.09
C VAL B 449 -25.91 -16.98 5.28
N TYR B 450 -27.16 -17.33 4.98
CA TYR B 450 -28.07 -18.00 5.92
C TYR B 450 -28.12 -19.50 5.64
N SER B 451 -27.72 -20.27 6.64
CA SER B 451 -27.60 -21.72 6.56
C SER B 451 -27.33 -22.25 7.96
N ARG B 452 -27.91 -23.42 8.28
CA ARG B 452 -27.53 -24.14 9.50
C ARG B 452 -26.48 -25.23 9.24
N LYS B 453 -26.16 -25.48 7.97
CA LYS B 453 -25.17 -26.49 7.66
C LYS B 453 -23.75 -25.94 7.88
N ARG B 454 -23.02 -26.53 8.86
CA ARG B 454 -21.67 -26.07 9.21
C ARG B 454 -20.71 -26.11 8.05
N GLU B 455 -20.87 -27.14 7.20
CA GLU B 455 -19.99 -27.32 6.05
C GLU B 455 -20.15 -26.24 5.00
N HIS B 456 -21.39 -25.75 4.86
CA HIS B 456 -21.69 -24.64 3.95
C HIS B 456 -21.12 -23.32 4.49
N LEU B 457 -21.31 -23.03 5.77
CA LEU B 457 -20.75 -21.84 6.36
C LEU B 457 -19.22 -21.85 6.29
N GLU B 458 -18.59 -22.99 6.63
CA GLU B 458 -17.13 -23.01 6.66
C GLU B 458 -16.57 -22.96 5.22
N TRP B 459 -17.28 -23.60 4.28
CA TRP B 459 -16.97 -23.46 2.86
C TRP B 459 -17.01 -21.98 2.41
N ALA B 460 -18.05 -21.26 2.80
CA ALA B 460 -18.13 -19.86 2.44
C ALA B 460 -17.00 -19.03 3.07
N ARG B 461 -16.65 -19.35 4.34
CA ARG B 461 -15.54 -18.68 5.03
C ARG B 461 -14.29 -18.66 4.17
N ARG B 462 -13.98 -19.78 3.53
CA ARG B 462 -12.83 -19.92 2.61
C ARG B 462 -13.05 -19.45 1.15
N GLU B 463 -14.27 -19.51 0.63
CA GLU B 463 -14.44 -19.35 -0.82
C GLU B 463 -15.43 -18.25 -1.32
N PHE B 464 -16.22 -17.67 -0.42
CA PHE B 464 -17.07 -16.54 -0.78
C PHE B 464 -16.13 -15.32 -0.68
N HIS B 465 -15.62 -14.89 -1.83
CA HIS B 465 -14.50 -13.94 -1.91
C HIS B 465 -14.99 -12.50 -1.78
N VAL B 466 -15.33 -12.12 -0.54
CA VAL B 466 -15.69 -10.75 -0.19
C VAL B 466 -14.90 -10.37 1.07
N GLY B 467 -14.62 -9.08 1.29
CA GLY B 467 -13.81 -8.64 2.43
C GLY B 467 -14.53 -8.68 3.75
N ASN B 468 -15.87 -8.64 3.68
CA ASN B 468 -16.76 -8.67 4.86
C ASN B 468 -17.93 -9.63 4.66
N LEU B 469 -17.84 -10.77 5.34
CA LEU B 469 -18.79 -11.85 5.21
C LEU B 469 -19.54 -12.03 6.54
N TYR B 470 -20.84 -12.30 6.48
CA TYR B 470 -21.65 -12.43 7.70
C TYR B 470 -22.51 -13.68 7.57
N PHE B 471 -22.57 -14.45 8.66
CA PHE B 471 -23.41 -15.64 8.67
C PHE B 471 -24.61 -15.47 9.60
N ASN B 472 -25.82 -15.67 9.03
CA ASN B 472 -27.08 -15.72 9.79
C ASN B 472 -27.42 -14.42 10.49
N ARG B 473 -27.07 -13.33 9.82
CA ARG B 473 -27.32 -11.96 10.25
C ARG B 473 -27.17 -11.04 9.02
N LYS B 474 -27.65 -9.79 9.15
CA LYS B 474 -27.52 -8.77 8.12
C LYS B 474 -26.07 -8.55 7.64
N ILE B 475 -25.92 -8.06 6.41
CA ILE B 475 -24.58 -7.84 5.85
C ILE B 475 -24.14 -6.39 5.84
N THR B 476 -25.00 -5.53 6.37
CA THR B 476 -24.70 -4.12 6.51
C THR B 476 -24.28 -3.81 7.96
N GLY B 477 -23.80 -2.59 8.20
CA GLY B 477 -23.61 -2.08 9.54
C GLY B 477 -22.36 -2.58 10.24
N ALA B 478 -21.29 -2.81 9.46
CA ALA B 478 -19.99 -3.24 10.01
C ALA B 478 -19.62 -2.28 11.14
N LEU B 479 -19.26 -2.83 12.30
CA LEU B 479 -18.97 -2.02 13.47
C LEU B 479 -17.47 -1.72 13.61
N VAL B 480 -17.09 -0.46 13.82
CA VAL B 480 -15.67 -0.13 14.00
C VAL B 480 -15.01 -1.11 15.03
N GLY B 481 -13.84 -1.64 14.69
CA GLY B 481 -13.09 -2.50 15.63
C GLY B 481 -13.49 -3.98 15.56
N VAL B 482 -14.78 -4.23 15.36
CA VAL B 482 -15.32 -5.59 15.40
C VAL B 482 -15.14 -6.28 14.04
N GLN B 483 -15.50 -5.55 12.98
CA GLN B 483 -15.44 -6.06 11.63
C GLN B 483 -14.62 -5.14 10.77
N PRO B 484 -13.27 -5.25 10.79
CA PRO B 484 -12.48 -4.44 9.85
C PRO B 484 -13.18 -4.35 8.48
N PHE B 485 -13.35 -3.14 7.93
CA PHE B 485 -14.23 -3.01 6.75
C PHE B 485 -13.55 -2.65 5.43
N GLY B 486 -13.80 -3.42 4.38
CA GLY B 486 -13.18 -3.14 3.07
C GLY B 486 -13.09 -4.38 2.23
N GLY B 487 -13.09 -4.19 0.91
CA GLY B 487 -13.29 -5.31 -0.01
C GLY B 487 -12.13 -5.77 -0.89
N PHE B 488 -12.49 -6.69 -1.79
CA PHE B 488 -11.57 -7.30 -2.73
C PHE B 488 -12.00 -6.85 -4.12
N LYS B 489 -11.12 -7.12 -5.09
CA LYS B 489 -11.43 -6.91 -6.50
C LYS B 489 -11.80 -5.44 -6.74
N LEU B 490 -12.86 -5.19 -7.51
CA LEU B 490 -13.20 -3.81 -7.83
C LEU B 490 -14.02 -3.07 -6.75
N SER B 491 -14.14 -3.69 -5.58
CA SER B 491 -14.60 -2.96 -4.40
C SER B 491 -13.52 -2.11 -3.69
N GLY B 492 -12.27 -2.13 -4.20
CA GLY B 492 -11.25 -1.15 -3.81
C GLY B 492 -9.91 -1.74 -3.42
N THR B 493 -9.17 -1.02 -2.58
CA THR B 493 -7.79 -1.36 -2.22
C THR B 493 -7.64 -2.09 -0.88
N ASN B 494 -8.79 -2.45 -0.27
CA ASN B 494 -8.80 -3.27 0.94
C ASN B 494 -8.16 -2.52 2.08
N ALA B 495 -8.24 -1.18 2.07
CA ALA B 495 -7.88 -0.41 3.27
C ALA B 495 -8.90 -0.75 4.33
N LYS B 496 -8.51 -1.48 5.37
CA LYS B 496 -9.50 -1.95 6.36
C LYS B 496 -9.71 -0.87 7.43
N THR B 497 -10.85 -0.16 7.32
CA THR B 497 -11.23 0.86 8.28
C THR B 497 -11.66 0.17 9.57
N GLY B 498 -11.48 0.88 10.70
CA GLY B 498 -11.87 0.38 12.01
C GLY B 498 -11.01 -0.80 12.45
N ALA B 499 -9.72 -0.74 12.09
CA ALA B 499 -8.74 -1.81 12.28
C ALA B 499 -7.35 -1.18 12.46
N LEU B 500 -6.52 -1.85 13.23
CA LEU B 500 -5.15 -1.43 13.49
C LEU B 500 -4.37 -1.18 12.21
N ASP B 501 -4.57 -2.02 11.21
CA ASP B 501 -3.90 -1.91 9.88
C ASP B 501 -4.17 -0.59 9.16
N TYR B 502 -5.31 0.04 9.44
CA TYR B 502 -5.68 1.25 8.70
C TYR B 502 -4.63 2.36 8.86
N LEU B 503 -4.16 2.58 10.07
CA LEU B 503 -3.23 3.70 10.31
C LEU B 503 -1.86 3.55 9.58
N ARG B 504 -1.45 2.32 9.36
CA ARG B 504 -0.16 1.98 8.77
C ARG B 504 -0.11 2.49 7.33
N LEU B 505 -1.28 2.52 6.68
CA LEU B 505 -1.42 3.07 5.33
C LEU B 505 -0.94 4.52 5.22
N PHE B 506 -0.92 5.23 6.35
CA PHE B 506 -0.63 6.68 6.38
C PHE B 506 0.69 6.99 7.08
N LEU B 507 1.54 5.97 7.19
CA LEU B 507 2.85 6.08 7.82
C LEU B 507 3.90 5.60 6.87
N GLU B 508 5.13 6.11 7.00
CA GLU B 508 6.26 5.45 6.38
C GLU B 508 7.34 5.15 7.44
N MET B 509 8.30 4.29 7.10
CA MET B 509 9.27 3.82 8.10
C MET B 509 10.68 4.30 7.83
N LYS B 510 11.36 4.71 8.91
CA LYS B 510 12.77 5.11 8.91
C LYS B 510 13.55 4.14 9.83
N ALA B 511 14.78 3.80 9.44
CA ALA B 511 15.64 2.90 10.20
C ALA B 511 16.92 3.64 10.42
N VAL B 512 17.24 3.93 11.69
CA VAL B 512 18.48 4.67 12.02
C VAL B 512 19.46 3.79 12.85
N ALA B 513 20.67 3.59 12.33
CA ALA B 513 21.70 2.84 13.04
C ALA B 513 22.76 3.78 13.63
N GLU B 514 23.16 3.57 14.90
CA GLU B 514 24.34 4.26 15.42
C GLU B 514 25.38 3.23 15.86
N ARG B 515 26.57 3.30 15.26
CA ARG B 515 27.66 2.43 15.65
C ARG B 515 28.47 3.18 16.70
N PHE B 516 28.57 2.64 17.91
CA PHE B 516 29.21 3.40 19.02
C PHE B 516 30.71 3.34 18.99
N PRO C . 20.99 -4.24 0.97
CA PRO C . 21.95 -3.55 0.08
C PRO C . 22.64 -2.36 0.79
O PRO C . 22.12 -1.82 1.81
CB PRO C . 21.06 -3.04 -1.08
CG PRO C . 19.66 -3.57 -0.79
CD PRO C . 19.60 -3.87 0.68
OXT PRO C . 23.72 -1.92 0.34
PA NAD D . 16.68 -1.14 -14.61
O1A NAD D . 17.31 -0.82 -15.90
O2A NAD D . 15.57 -0.25 -14.28
O5B NAD D . 16.11 -2.63 -14.64
C5B NAD D . 15.56 -3.30 -13.53
C4B NAD D . 14.77 -4.49 -14.08
O4B NAD D . 13.68 -3.97 -14.82
C3B NAD D . 15.55 -5.37 -15.06
O3B NAD D . 15.12 -6.68 -14.85
C2B NAD D . 15.06 -4.95 -16.45
O2B NAD D . 15.05 -5.94 -17.46
C1B NAD D . 13.63 -4.52 -16.13
N9A NAD D . 13.12 -3.50 -17.02
C8A NAD D . 13.77 -2.53 -17.78
N7A NAD D . 12.80 -1.83 -18.44
C5A NAD D . 11.57 -2.30 -18.05
C6A NAD D . 10.24 -1.98 -18.36
N6A NAD D . 9.94 -0.81 -18.91
N1A NAD D . 9.20 -2.71 -17.79
C2A NAD D . 9.46 -3.77 -16.93
N3A NAD D . 10.76 -4.07 -16.62
C4A NAD D . 11.78 -3.36 -17.18
O3 NAD D . 17.69 -1.11 -13.36
PN NAD D . 19.08 -1.93 -13.16
O1N NAD D . 18.85 -3.39 -13.37
O2N NAD D . 20.08 -1.14 -13.98
O5D NAD D . 19.47 -1.64 -11.61
C5D NAD D . 20.09 -0.41 -11.31
C4D NAD D . 19.08 0.46 -10.60
O4D NAD D . 18.48 -0.36 -9.58
C3D NAD D . 19.68 1.65 -9.90
O3D NAD D . 18.93 2.81 -10.15
C2D NAD D . 19.50 1.26 -8.44
O2D NAD D . 19.45 2.33 -7.53
C1D NAD D . 18.23 0.44 -8.45
N1N NAD D . 18.22 -0.33 -7.22
C2N NAD D . 17.38 0.09 -6.21
C3N NAD D . 17.41 -0.61 -5.01
C7N NAD D . 16.45 -0.33 -3.90
O7N NAD D . 16.32 -1.34 -2.92
N7N NAD D . 15.77 0.83 -3.87
C4N NAD D . 18.29 -1.71 -4.85
C5N NAD D . 19.12 -2.12 -5.91
C6N NAD D . 19.07 -1.42 -7.10
C ACT E . 6.25 -0.71 -18.26
O ACT E . 6.65 -1.67 -17.54
OXT ACT E . 7.12 -0.13 -19.01
CH3 ACT E . 4.81 -0.30 -18.24
C ACT F . 12.47 11.99 8.86
O ACT F . 13.58 11.85 8.30
OXT ACT F . 11.61 12.63 8.21
CH3 ACT F . 12.15 11.43 10.24
C1 MRD G . 36.91 -2.52 2.21
C2 MRD G . 37.93 -1.95 1.22
O2 MRD G . 38.22 -0.57 1.60
CM MRD G . 39.22 -2.75 1.40
C3 MRD G . 37.47 -2.00 -0.25
C4 MRD G . 36.23 -1.13 -0.45
O4 MRD G . 35.09 -1.90 -0.06
C5 MRD G . 36.11 -0.60 -1.88
NA NA H . 26.72 -10.74 -17.37
N PRO I . -19.75 0.58 7.63
CA PRO I . -21.04 0.75 6.92
C PRO I . -21.72 -0.58 6.58
O PRO I . -21.14 -1.69 6.73
CB PRO I . -20.63 1.51 5.64
CG PRO I . -19.22 1.16 5.41
CD PRO I . -18.59 0.97 6.80
OXT PRO I . -22.91 -0.60 6.17
C1 MPD J . -9.33 -0.53 20.07
C2 MPD J . -7.84 -0.71 20.13
O2 MPD J . -7.41 -0.35 21.46
CM MPD J . -7.19 0.22 19.14
C3 MPD J . -7.40 -2.16 19.83
C4 MPD J . -8.23 -3.22 20.54
O4 MPD J . -8.22 -4.35 19.73
C5 MPD J . -7.64 -3.57 21.89
PA NAD K . -19.06 9.49 -6.18
O1A NAD K . -19.87 10.04 -7.25
O2A NAD K . -17.96 8.68 -6.74
O5B NAD K . -18.45 10.67 -5.29
C5B NAD K . -17.64 10.46 -4.14
C4B NAD K . -16.85 11.73 -3.83
O4B NAD K . -15.92 11.94 -4.86
C3B NAD K . -17.68 13.02 -3.79
O3B NAD K . -17.05 13.85 -2.86
C2B NAD K . -17.58 13.62 -5.21
O2B NAD K . -17.69 15.03 -5.34
C1B NAD K . -16.17 13.18 -5.55
N9A NAD K . -15.87 13.10 -7.00
C8A NAD K . -16.72 12.86 -8.04
N7A NAD K . -15.98 12.91 -9.17
C5A NAD K . -14.67 13.16 -8.86
C6A NAD K . -13.51 13.26 -9.63
N6A NAD K . -13.50 12.94 -10.94
N1A NAD K . -12.31 13.51 -9.00
C2A NAD K . -12.25 13.67 -7.63
N3A NAD K . -13.40 13.55 -6.87
C4A NAD K . -14.60 13.29 -7.50
O3 NAD K . -19.87 8.56 -5.14
PN NAD K . -21.08 8.98 -4.14
O1N NAD K . -20.74 10.19 -3.32
O2N NAD K . -22.29 8.93 -5.05
O5D NAD K . -21.13 7.73 -3.09
C5D NAD K . -21.79 6.55 -3.41
C4D NAD K . -20.76 5.56 -3.93
O4D NAD K . -19.83 5.37 -2.87
C3D NAD K . -21.33 4.19 -4.29
O3D NAD K . -20.75 3.63 -5.44
C2D NAD K . -20.89 3.35 -3.11
O2D NAD K . -20.79 1.98 -3.40
C1D NAD K . -19.59 3.99 -2.68
N1N NAD K . -19.29 3.67 -1.28
C2N NAD K . -18.35 2.67 -1.04
C3N NAD K . -18.07 2.31 0.29
C7N NAD K . -16.82 1.54 0.62
O7N NAD K . -16.37 1.62 1.93
N7N NAD K . -16.17 0.82 -0.29
C4N NAD K . -18.74 2.99 1.34
C5N NAD K . -19.67 4.03 1.06
C6N NAD K . -19.94 4.36 -0.27
C ACT L . -9.76 12.69 -11.09
O ACT L . -10.81 12.64 -11.78
OXT ACT L . -9.87 12.84 -9.85
CH3 ACT L . -8.44 12.57 -11.77
C ACT M . -11.53 -15.87 0.57
O ACT M . -10.89 -15.50 -0.43
OXT ACT M . -12.75 -15.62 0.50
CH3 ACT M . -10.89 -16.56 1.77
C1 MPD N . 12.74 -12.92 12.42
C2 MPD N . 11.47 -12.65 13.21
O2 MPD N . 11.41 -13.78 14.13
CM MPD N . 10.32 -12.66 12.26
C3 MPD N . 11.39 -11.28 13.92
C4 MPD N . 12.26 -11.13 15.17
O4 MPD N . 12.23 -9.78 15.49
C5 MPD N . 11.70 -11.89 16.38
C1 MPD O . -20.56 31.96 12.10
C2 MPD O . -19.65 30.83 11.65
O2 MPD O . -18.78 30.51 12.77
CM MPD O . -18.78 31.27 10.46
C3 MPD O . -20.49 29.60 11.31
C4 MPD O . -19.69 28.31 11.43
O4 MPD O . -19.85 27.78 12.74
C5 MPD O . -20.11 27.31 10.37
C1 MPD P . -42.47 18.71 5.27
C2 MPD P . -43.58 17.70 5.53
O2 MPD P . -43.34 16.48 4.78
CM MPD P . -44.90 18.27 5.04
C3 MPD P . -43.56 17.43 7.03
C4 MPD P . -43.98 16.05 7.51
O4 MPD P . -43.20 14.97 6.97
C5 MPD P . -43.88 16.00 9.03
C1 MRD Q . 11.65 15.55 -8.92
C2 MRD Q . 11.11 15.97 -10.28
O2 MRD Q . 9.77 15.43 -10.52
CM MRD Q . 10.98 17.50 -10.20
C3 MRD Q . 12.04 15.59 -11.43
C4 MRD Q . 12.52 14.13 -11.56
O4 MRD Q . 13.75 14.16 -12.25
C5 MRD Q . 11.61 13.20 -12.36
NA NA R . -28.32 17.83 0.10
NA NA R . -29.33 16.74 0.49
#